data_4D5T
#
_entry.id   4D5T
#
_cell.length_a   92.290
_cell.length_b   45.630
_cell.length_c   160.260
_cell.angle_alpha   90.00
_cell.angle_beta   98.74
_cell.angle_gamma   90.00
#
_symmetry.space_group_name_H-M   'P 1 21 1'
#
loop_
_entity.id
_entity.type
_entity.pdbx_description
1 polymer 'PROTEIN A49R'
2 non-polymer 'SULFATE ION'
3 water water
#
_entity_poly.entity_id   1
_entity_poly.type   'polypeptide(L)'
_entity_poly.pdbx_seq_one_letter_code
;MVLGYVSDMHTELASISQLVIAKIETIDNDILNKDIVNFIMCRSNLDNPFISFLDTVYTIIDQENYQTELINSLDDNEII
DCIVNKFMSFYKDNLENIVDAIITLKYIMNNPDFKTTYAEVLGSRIADIDIKQVIRENILQLSNDIRERYLGSKHHHHHH
;
_entity_poly.pdbx_strand_id   A,B,C,D,E,F,G,H
#
loop_
_chem_comp.id
_chem_comp.type
_chem_comp.name
_chem_comp.formula
SO4 non-polymer 'SULFATE ION' 'O4 S -2'
#
# COMPACT_ATOMS: atom_id res chain seq x y z
N VAL A 2 3.83 -29.67 -14.01
CA VAL A 2 2.44 -29.69 -14.60
C VAL A 2 2.56 -29.23 -16.03
N LEU A 3 2.46 -27.92 -16.25
CA LEU A 3 3.01 -27.35 -17.47
C LEU A 3 4.10 -26.28 -17.25
N GLY A 4 5.30 -26.55 -17.79
CA GLY A 4 6.36 -25.56 -17.96
C GLY A 4 7.59 -25.60 -17.03
N TYR A 5 7.80 -26.68 -16.26
CA TYR A 5 9.15 -26.94 -15.62
C TYR A 5 10.04 -28.05 -16.27
N VAL A 6 11.16 -27.62 -16.85
CA VAL A 6 12.05 -28.55 -17.53
C VAL A 6 12.68 -29.55 -16.57
N SER A 7 13.08 -29.07 -15.40
CA SER A 7 13.86 -29.89 -14.44
C SER A 7 13.29 -29.74 -13.04
N ASP A 8 14.12 -29.89 -12.01
CA ASP A 8 13.63 -29.79 -10.63
C ASP A 8 13.44 -28.33 -10.17
N MET A 9 12.97 -28.14 -8.95
CA MET A 9 12.79 -26.78 -8.42
C MET A 9 14.06 -26.04 -7.96
N HIS A 10 15.15 -26.77 -7.69
CA HIS A 10 16.43 -26.13 -7.40
C HIS A 10 16.89 -25.39 -8.64
N THR A 11 16.92 -26.12 -9.74
CA THR A 11 17.22 -25.51 -11.03
C THR A 11 16.28 -24.40 -11.38
N GLU A 12 14.99 -24.59 -11.15
CA GLU A 12 14.00 -23.59 -11.53
C GLU A 12 14.21 -22.30 -10.75
N LEU A 13 14.43 -22.41 -9.44
CA LEU A 13 14.61 -21.20 -8.63
C LEU A 13 15.86 -20.47 -8.90
N ALA A 14 16.94 -21.18 -9.09
CA ALA A 14 18.19 -20.59 -9.52
C ALA A 14 18.02 -19.85 -10.83
N SER A 15 17.41 -20.51 -11.81
CA SER A 15 17.31 -19.95 -13.13
C SER A 15 16.37 -18.72 -13.16
N ILE A 16 15.21 -18.81 -12.52
CA ILE A 16 14.26 -17.69 -12.58
C ILE A 16 14.78 -16.47 -11.78
N SER A 17 15.46 -16.73 -10.67
N SER A 17 15.49 -16.72 -10.69
CA SER A 17 16.06 -15.61 -9.89
CA SER A 17 16.09 -15.61 -9.92
C SER A 17 17.17 -14.89 -10.70
C SER A 17 17.16 -14.88 -10.71
N GLN A 18 17.95 -15.64 -11.44
CA GLN A 18 18.90 -15.07 -12.40
C GLN A 18 18.21 -14.25 -13.51
N LEU A 19 17.08 -14.73 -14.00
CA LEU A 19 16.30 -13.96 -15.02
C LEU A 19 15.74 -12.66 -14.45
N VAL A 20 15.27 -12.69 -13.21
CA VAL A 20 14.80 -11.48 -12.56
C VAL A 20 15.90 -10.42 -12.48
N ILE A 21 17.07 -10.79 -11.98
N ILE A 21 17.05 -10.78 -11.97
CA ILE A 21 18.23 -9.90 -11.95
CA ILE A 21 18.17 -9.85 -11.92
C ILE A 21 18.56 -9.33 -13.34
C ILE A 21 18.59 -9.34 -13.33
N ALA A 22 18.55 -10.20 -14.34
CA ALA A 22 18.89 -9.80 -15.74
C ALA A 22 17.86 -8.88 -16.39
N LYS A 23 16.59 -8.96 -15.96
CA LYS A 23 15.52 -8.21 -16.60
C LYS A 23 14.85 -7.09 -15.78
N ILE A 24 15.10 -7.01 -14.48
CA ILE A 24 14.27 -6.12 -13.59
C ILE A 24 14.41 -4.64 -14.05
N GLU A 25 15.56 -4.23 -14.65
CA GLU A 25 15.67 -2.83 -15.19
C GLU A 25 14.81 -2.53 -16.42
N THR A 26 14.38 -3.56 -17.15
CA THR A 26 13.58 -3.39 -18.35
C THR A 26 12.11 -3.31 -18.00
N ILE A 27 11.73 -3.49 -16.73
CA ILE A 27 10.34 -3.40 -16.40
C ILE A 27 10.00 -2.10 -15.64
N ASP A 28 9.15 -1.30 -16.25
N ASP A 28 9.16 -1.29 -16.26
CA ASP A 28 8.69 -0.07 -15.62
CA ASP A 28 8.70 -0.04 -15.68
C ASP A 28 8.02 -0.37 -14.30
C ASP A 28 8.01 -0.35 -14.31
N ASN A 29 8.24 0.49 -13.33
CA ASN A 29 7.66 0.29 -12.00
C ASN A 29 6.16 0.20 -12.00
N ASP A 30 5.49 0.99 -12.82
N ASP A 30 5.48 1.01 -12.81
CA ASP A 30 4.04 0.98 -12.83
CA ASP A 30 4.02 0.99 -12.79
C ASP A 30 3.56 -0.35 -13.38
C ASP A 30 3.56 -0.34 -13.38
N ILE A 31 4.29 -0.86 -14.36
CA ILE A 31 3.92 -2.15 -14.97
C ILE A 31 4.20 -3.28 -13.97
N LEU A 32 5.33 -3.21 -13.26
CA LEU A 32 5.63 -4.21 -12.24
C LEU A 32 4.53 -4.29 -11.20
N ASN A 33 4.09 -3.15 -10.72
CA ASN A 33 3.03 -3.11 -9.71
C ASN A 33 1.68 -3.61 -10.22
N LYS A 34 1.30 -3.25 -11.43
CA LYS A 34 0.05 -3.87 -12.05
C LYS A 34 0.19 -5.37 -12.13
N ASP A 35 1.38 -5.88 -12.53
CA ASP A 35 1.62 -7.33 -12.61
C ASP A 35 1.53 -8.00 -11.25
N ILE A 36 2.02 -7.34 -10.20
CA ILE A 36 1.87 -7.87 -8.84
C ILE A 36 0.40 -7.97 -8.45
N VAL A 37 -0.37 -6.91 -8.71
CA VAL A 37 -1.82 -6.91 -8.43
C VAL A 37 -2.49 -8.10 -9.17
N ASN A 38 -2.19 -8.20 -10.44
CA ASN A 38 -2.77 -9.28 -11.25
C ASN A 38 -2.40 -10.69 -10.70
N PHE A 39 -1.16 -10.89 -10.27
CA PHE A 39 -0.79 -12.15 -9.64
C PHE A 39 -1.68 -12.43 -8.38
N ILE A 40 -1.82 -11.43 -7.52
CA ILE A 40 -2.64 -11.52 -6.33
C ILE A 40 -4.10 -11.92 -6.67
N MET A 41 -4.58 -11.40 -7.79
CA MET A 41 -5.97 -11.66 -8.26
C MET A 41 -6.10 -12.85 -9.23
N CYS A 42 -5.06 -13.67 -9.34
N CYS A 42 -5.07 -13.68 -9.30
CA CYS A 42 -5.05 -14.88 -10.12
CA CYS A 42 -5.08 -14.91 -10.09
C CYS A 42 -5.22 -14.60 -11.59
C CYS A 42 -5.24 -14.60 -11.58
N ARG A 43 -4.51 -13.59 -12.08
CA ARG A 43 -4.39 -13.31 -13.47
C ARG A 43 -2.89 -13.05 -13.79
N SER A 44 -2.02 -13.96 -13.42
CA SER A 44 -0.57 -13.86 -13.65
C SER A 44 -0.16 -13.54 -15.09
N ASN A 45 0.86 -12.71 -15.21
CA ASN A 45 1.58 -12.61 -16.46
C ASN A 45 2.95 -13.23 -16.25
N LEU A 46 3.09 -14.51 -16.66
CA LEU A 46 4.32 -15.30 -16.42
C LEU A 46 5.49 -14.81 -17.26
N ASP A 47 5.23 -13.96 -18.22
CA ASP A 47 6.28 -13.31 -18.99
C ASP A 47 7.06 -12.28 -18.19
N ASN A 48 6.50 -11.80 -17.07
CA ASN A 48 7.30 -10.99 -16.12
C ASN A 48 8.06 -11.93 -15.20
N PRO A 49 9.44 -11.94 -15.24
CA PRO A 49 10.15 -12.92 -14.48
C PRO A 49 9.94 -12.86 -12.98
N PHE A 50 9.67 -11.67 -12.41
CA PHE A 50 9.35 -11.62 -11.04
C PHE A 50 8.03 -12.35 -10.71
N ILE A 51 7.05 -12.24 -11.58
CA ILE A 51 5.77 -12.97 -11.41
C ILE A 51 5.97 -14.50 -11.61
N SER A 52 6.79 -14.91 -12.58
CA SER A 52 7.21 -16.32 -12.64
C SER A 52 7.90 -16.82 -11.35
N PHE A 53 8.77 -16.01 -10.79
CA PHE A 53 9.39 -16.29 -9.46
C PHE A 53 8.32 -16.48 -8.41
N LEU A 54 7.40 -15.53 -8.32
CA LEU A 54 6.34 -15.64 -7.29
C LEU A 54 5.52 -16.91 -7.49
N ASP A 55 5.17 -17.22 -8.73
CA ASP A 55 4.36 -18.39 -9.04
C ASP A 55 5.09 -19.68 -8.70
N THR A 56 6.37 -19.73 -9.02
CA THR A 56 7.24 -20.85 -8.60
C THR A 56 7.29 -21.00 -7.08
N VAL A 57 7.46 -19.89 -6.34
CA VAL A 57 7.52 -19.98 -4.92
C VAL A 57 6.19 -20.42 -4.35
N TYR A 58 5.10 -19.84 -4.85
CA TYR A 58 3.75 -20.23 -4.41
C TYR A 58 3.56 -21.77 -4.57
N THR A 59 4.00 -22.28 -5.71
CA THR A 59 3.85 -23.71 -6.06
C THR A 59 4.72 -24.57 -5.13
N ILE A 60 5.95 -24.15 -4.90
CA ILE A 60 6.84 -24.85 -3.96
C ILE A 60 6.29 -24.95 -2.53
N ILE A 61 5.75 -23.86 -2.02
CA ILE A 61 5.18 -23.81 -0.70
C ILE A 61 4.02 -24.74 -0.56
N ASP A 62 3.15 -24.77 -1.61
CA ASP A 62 2.13 -25.75 -1.78
C ASP A 62 1.16 -25.83 -0.62
N GLN A 63 0.72 -24.68 -0.11
N GLN A 63 0.71 -24.68 -0.12
CA GLN A 63 -0.16 -24.65 1.06
CA GLN A 63 -0.18 -24.66 1.04
C GLN A 63 -1.54 -24.06 0.74
C GLN A 63 -1.55 -24.05 0.74
N GLU A 64 -1.92 -24.03 -0.54
CA GLU A 64 -3.14 -23.35 -0.93
C GLU A 64 -4.39 -23.91 -0.18
N ASN A 65 -4.56 -25.23 -0.15
CA ASN A 65 -5.77 -25.79 0.53
C ASN A 65 -5.81 -25.51 2.06
N TYR A 66 -4.68 -25.73 2.73
CA TYR A 66 -4.60 -25.42 4.16
C TYR A 66 -4.89 -23.95 4.44
N GLN A 67 -4.29 -23.05 3.67
CA GLN A 67 -4.40 -21.61 4.00
C GLN A 67 -5.81 -21.12 3.71
N THR A 68 -6.47 -21.72 2.73
CA THR A 68 -7.86 -21.49 2.41
C THR A 68 -8.80 -21.83 3.56
N GLU A 69 -8.59 -23.00 4.15
CA GLU A 69 -9.34 -23.42 5.33
C GLU A 69 -9.05 -22.46 6.49
N LEU A 70 -7.78 -22.14 6.68
CA LEU A 70 -7.41 -21.20 7.75
C LEU A 70 -8.09 -19.81 7.55
N ILE A 71 -7.98 -19.27 6.36
CA ILE A 71 -8.56 -17.97 6.06
C ILE A 71 -10.08 -17.95 6.19
N ASN A 72 -10.72 -19.06 5.82
CA ASN A 72 -12.15 -19.27 6.08
C ASN A 72 -12.57 -19.18 7.53
N SER A 73 -11.68 -19.54 8.44
CA SER A 73 -11.99 -19.47 9.87
C SER A 73 -11.82 -18.05 10.40
N LEU A 74 -11.29 -17.11 9.63
CA LEU A 74 -11.05 -15.76 10.15
C LEU A 74 -12.24 -14.84 10.00
N ASP A 75 -12.38 -13.91 10.92
CA ASP A 75 -13.41 -12.87 10.77
C ASP A 75 -12.82 -11.59 10.13
N ASP A 76 -13.69 -10.62 9.87
CA ASP A 76 -13.25 -9.45 9.13
C ASP A 76 -12.17 -8.68 9.86
N ASN A 77 -12.28 -8.64 11.18
CA ASN A 77 -11.28 -7.96 11.99
C ASN A 77 -9.88 -8.53 11.89
N GLU A 78 -9.83 -9.86 11.94
CA GLU A 78 -8.59 -10.60 11.75
C GLU A 78 -8.02 -10.41 10.37
N ILE A 79 -8.88 -10.36 9.34
CA ILE A 79 -8.38 -10.13 7.97
C ILE A 79 -7.81 -8.74 7.82
N ILE A 80 -8.48 -7.75 8.39
CA ILE A 80 -7.96 -6.36 8.36
C ILE A 80 -6.63 -6.30 9.02
N ASP A 81 -6.52 -6.94 10.16
N ASP A 81 -6.52 -6.95 10.17
CA ASP A 81 -5.23 -6.98 10.85
CA ASP A 81 -5.26 -7.04 10.92
C ASP A 81 -4.15 -7.61 9.98
C ASP A 81 -4.15 -7.66 10.02
N CYS A 82 -4.48 -8.74 9.33
N CYS A 82 -4.47 -8.77 9.35
CA CYS A 82 -3.59 -9.46 8.39
CA CYS A 82 -3.53 -9.41 8.42
C CYS A 82 -3.10 -8.53 7.25
C CYS A 82 -3.10 -8.51 7.26
N ILE A 83 -4.07 -7.89 6.61
CA ILE A 83 -3.78 -6.96 5.47
C ILE A 83 -2.91 -5.83 5.85
N VAL A 84 -3.26 -5.14 6.92
CA VAL A 84 -2.44 -4.03 7.37
C VAL A 84 -1.06 -4.47 7.78
N ASN A 85 -0.97 -5.56 8.54
CA ASN A 85 0.35 -6.11 8.96
C ASN A 85 1.22 -6.46 7.77
N LYS A 86 0.70 -7.19 6.80
CA LYS A 86 1.55 -7.66 5.68
C LYS A 86 1.91 -6.49 4.73
N PHE A 87 0.98 -5.56 4.56
CA PHE A 87 1.22 -4.38 3.67
C PHE A 87 2.39 -3.60 4.01
N MET A 88 2.68 -3.44 5.29
CA MET A 88 3.79 -2.62 5.65
C MET A 88 5.15 -3.16 5.09
N SER A 89 5.26 -4.45 4.80
N SER A 89 5.24 -4.47 4.77
CA SER A 89 6.51 -5.01 4.25
CA SER A 89 6.49 -5.04 4.22
C SER A 89 6.87 -4.31 2.95
C SER A 89 6.87 -4.32 2.94
N PHE A 90 5.88 -3.85 2.21
CA PHE A 90 6.16 -3.16 0.92
C PHE A 90 6.94 -1.89 1.11
N TYR A 91 6.89 -1.32 2.33
CA TYR A 91 7.57 -0.08 2.60
C TYR A 91 8.92 -0.29 3.26
N LYS A 92 9.28 -1.55 3.51
CA LYS A 92 10.54 -1.90 4.21
C LYS A 92 11.50 -2.61 3.29
N ASP A 93 12.67 -3.02 3.81
N ASP A 93 12.66 -3.02 3.81
CA ASP A 93 13.77 -3.51 2.99
CA ASP A 93 13.77 -3.48 3.00
C ASP A 93 14.02 -5.00 3.04
C ASP A 93 14.02 -4.99 3.05
N ASN A 94 13.01 -5.76 3.44
CA ASN A 94 13.16 -7.21 3.54
C ASN A 94 12.35 -7.90 2.45
N LEU A 95 13.01 -8.52 1.51
CA LEU A 95 12.32 -9.12 0.36
C LEU A 95 11.54 -10.36 0.75
N GLU A 96 12.08 -11.19 1.63
CA GLU A 96 11.33 -12.36 2.10
C GLU A 96 9.97 -11.96 2.62
N ASN A 97 9.92 -10.87 3.34
CA ASN A 97 8.62 -10.37 3.89
C ASN A 97 7.70 -9.85 2.86
N ILE A 98 8.27 -9.20 1.85
CA ILE A 98 7.50 -8.76 0.69
C ILE A 98 6.87 -9.91 -0.10
N VAL A 99 7.65 -10.95 -0.32
CA VAL A 99 7.18 -12.13 -1.02
C VAL A 99 6.09 -12.83 -0.20
N ASP A 100 6.32 -12.93 1.10
CA ASP A 100 5.28 -13.46 2.02
C ASP A 100 4.00 -12.62 1.97
N ALA A 101 4.12 -11.29 1.96
CA ALA A 101 2.98 -10.44 1.88
C ALA A 101 2.18 -10.67 0.62
N ILE A 102 2.86 -10.72 -0.54
CA ILE A 102 2.19 -10.92 -1.79
C ILE A 102 1.44 -12.27 -1.83
N ILE A 103 2.10 -13.32 -1.38
CA ILE A 103 1.50 -14.65 -1.39
C ILE A 103 0.34 -14.72 -0.41
N THR A 104 0.49 -14.09 0.75
CA THR A 104 -0.62 -14.03 1.73
C THR A 104 -1.83 -13.29 1.14
N LEU A 105 -1.59 -12.19 0.46
CA LEU A 105 -2.67 -11.43 -0.16
C LEU A 105 -3.37 -12.32 -1.22
N LYS A 106 -2.62 -13.09 -1.99
CA LYS A 106 -3.19 -14.02 -2.96
C LYS A 106 -4.06 -15.05 -2.27
N TYR A 107 -3.62 -15.58 -1.13
CA TYR A 107 -4.51 -16.51 -0.40
C TYR A 107 -5.82 -15.85 0.00
N ILE A 108 -5.72 -14.61 0.48
CA ILE A 108 -6.88 -13.88 0.98
C ILE A 108 -7.83 -13.57 -0.17
N MET A 109 -7.27 -13.21 -1.33
CA MET A 109 -8.10 -12.99 -2.54
C MET A 109 -8.66 -14.28 -3.16
N ASN A 110 -8.13 -15.44 -2.77
CA ASN A 110 -8.75 -16.77 -3.13
C ASN A 110 -10.09 -17.00 -2.41
N ASN A 111 -10.42 -16.17 -1.41
CA ASN A 111 -11.73 -16.23 -0.66
C ASN A 111 -12.68 -15.21 -1.30
N PRO A 112 -13.74 -15.67 -1.96
CA PRO A 112 -14.62 -14.73 -2.70
C PRO A 112 -15.29 -13.59 -1.91
N ASP A 113 -15.60 -13.83 -0.62
CA ASP A 113 -16.10 -12.77 0.26
C ASP A 113 -15.01 -11.69 0.48
N PHE A 114 -13.77 -12.12 0.79
CA PHE A 114 -12.70 -11.16 1.08
C PHE A 114 -12.22 -10.46 -0.20
N LYS A 115 -12.31 -11.12 -1.34
CA LYS A 115 -11.95 -10.48 -2.59
C LYS A 115 -12.91 -9.39 -2.90
N THR A 116 -14.22 -9.67 -2.74
CA THR A 116 -15.22 -8.64 -2.95
C THR A 116 -15.02 -7.43 -2.07
N THR A 117 -14.73 -7.66 -0.80
CA THR A 117 -14.55 -6.53 0.15
C THR A 117 -13.22 -5.73 -0.05
N TYR A 118 -12.11 -6.42 -0.33
CA TYR A 118 -10.80 -5.79 -0.19
C TYR A 118 -10.01 -5.69 -1.49
N ALA A 119 -10.51 -6.19 -2.64
CA ALA A 119 -9.66 -6.16 -3.86
C ALA A 119 -9.37 -4.76 -4.37
N GLU A 120 -10.34 -3.86 -4.32
CA GLU A 120 -10.11 -2.50 -4.82
C GLU A 120 -9.06 -1.76 -4.00
N VAL A 121 -9.15 -1.82 -2.67
CA VAL A 121 -8.17 -1.12 -1.88
C VAL A 121 -6.75 -1.69 -2.06
N LEU A 122 -6.63 -3.02 -2.17
CA LEU A 122 -5.32 -3.62 -2.42
C LEU A 122 -4.77 -3.15 -3.74
N GLY A 123 -5.60 -3.06 -4.77
CA GLY A 123 -5.10 -2.62 -6.09
C GLY A 123 -4.66 -1.19 -6.08
N SER A 124 -5.45 -0.36 -5.43
CA SER A 124 -5.13 1.03 -5.23
CA SER A 124 -5.08 1.05 -5.26
C SER A 124 -3.79 1.26 -4.49
N ARG A 125 -3.61 0.55 -3.39
CA ARG A 125 -2.40 0.80 -2.56
C ARG A 125 -1.14 0.18 -3.14
N ILE A 126 -1.25 -1.01 -3.79
CA ILE A 126 -0.08 -1.59 -4.43
C ILE A 126 0.48 -0.65 -5.52
N ALA A 127 -0.39 0.11 -6.18
CA ALA A 127 0.06 1.03 -7.21
C ALA A 127 1.10 2.04 -6.71
N ASP A 128 1.14 2.33 -5.40
CA ASP A 128 2.04 3.30 -4.88
C ASP A 128 3.39 2.75 -4.35
N ILE A 129 3.60 1.45 -4.43
CA ILE A 129 4.87 0.85 -3.89
C ILE A 129 6.02 1.01 -4.85
N ASP A 130 7.21 0.81 -4.32
CA ASP A 130 8.43 0.93 -5.10
C ASP A 130 9.48 -0.05 -4.57
N ILE A 131 9.44 -1.25 -5.06
CA ILE A 131 10.25 -2.33 -4.51
C ILE A 131 11.39 -2.83 -5.41
N LYS A 132 11.62 -2.20 -6.54
CA LYS A 132 12.64 -2.69 -7.46
C LYS A 132 14.05 -2.84 -6.75
N GLN A 133 14.47 -1.89 -5.90
CA GLN A 133 15.77 -2.01 -5.24
C GLN A 133 15.84 -3.14 -4.25
N VAL A 134 14.73 -3.35 -3.54
CA VAL A 134 14.71 -4.46 -2.63
C VAL A 134 14.74 -5.79 -3.41
N ILE A 135 14.12 -5.88 -4.58
CA ILE A 135 14.21 -7.12 -5.39
C ILE A 135 15.73 -7.31 -5.83
N ARG A 136 16.33 -6.26 -6.38
CA ARG A 136 17.69 -6.32 -6.92
C ARG A 136 18.66 -6.79 -5.87
N GLU A 137 18.56 -6.18 -4.71
CA GLU A 137 19.52 -6.40 -3.67
C GLU A 137 19.42 -7.80 -3.05
N ASN A 138 18.23 -8.41 -3.08
CA ASN A 138 17.98 -9.58 -2.28
C ASN A 138 17.47 -10.85 -3.01
N ILE A 139 17.12 -10.80 -4.30
CA ILE A 139 16.48 -11.99 -4.89
C ILE A 139 17.34 -13.25 -4.96
N LEU A 140 18.62 -13.10 -5.27
CA LEU A 140 19.48 -14.29 -5.35
C LEU A 140 19.54 -14.99 -3.98
N GLN A 141 19.76 -14.20 -2.93
CA GLN A 141 19.82 -14.79 -1.60
C GLN A 141 18.51 -15.44 -1.20
N LEU A 142 17.41 -14.75 -1.50
CA LEU A 142 16.08 -15.28 -1.15
C LEU A 142 15.82 -16.60 -1.86
N SER A 143 16.20 -16.68 -3.11
CA SER A 143 16.14 -17.96 -3.84
C SER A 143 16.89 -19.09 -3.07
N ASN A 144 18.11 -18.83 -2.63
CA ASN A 144 18.81 -19.82 -1.80
C ASN A 144 18.11 -20.17 -0.50
N ASP A 145 17.53 -19.20 0.17
CA ASP A 145 16.89 -19.40 1.48
C ASP A 145 15.61 -20.22 1.29
N ILE A 146 14.87 -19.97 0.19
CA ILE A 146 13.71 -20.75 -0.13
C ILE A 146 14.05 -22.22 -0.51
N ARG A 147 15.12 -22.41 -1.28
CA ARG A 147 15.56 -23.74 -1.57
C ARG A 147 15.87 -24.53 -0.28
N GLU A 148 16.64 -23.89 0.61
CA GLU A 148 17.07 -24.52 1.86
C GLU A 148 15.86 -24.87 2.74
N ARG A 149 14.89 -23.98 2.82
CA ARG A 149 13.73 -24.19 3.67
C ARG A 149 12.71 -25.18 3.17
N TYR A 150 12.42 -25.15 1.87
CA TYR A 150 11.32 -25.94 1.30
C TYR A 150 11.69 -27.08 0.41
N LEU A 151 12.95 -27.19 0.01
CA LEU A 151 13.34 -28.28 -0.85
C LEU A 151 14.41 -29.20 -0.23
N GLY A 152 14.63 -30.34 -0.88
CA GLY A 152 15.60 -31.37 -0.44
C GLY A 152 16.96 -31.30 -1.14
N VAL B 2 34.01 45.36 5.24
CA VAL B 2 35.23 45.49 4.37
C VAL B 2 34.78 45.15 2.96
N LEU B 3 34.83 43.86 2.61
CA LEU B 3 33.99 43.37 1.52
C LEU B 3 33.00 42.26 1.91
N GLY B 4 31.70 42.54 1.72
CA GLY B 4 30.62 41.54 1.74
C GLY B 4 29.68 41.48 2.94
N TYR B 5 29.64 42.52 3.82
CA TYR B 5 28.48 42.67 4.76
C TYR B 5 27.47 43.81 4.42
N VAL B 6 26.25 43.40 4.06
CA VAL B 6 25.20 44.33 3.68
C VAL B 6 24.75 45.25 4.86
N SER B 7 24.65 44.67 6.06
CA SER B 7 24.11 45.37 7.19
C SER B 7 25.00 45.14 8.44
N ASP B 8 24.44 45.22 9.64
CA ASP B 8 25.20 45.05 10.83
C ASP B 8 25.45 43.56 11.14
N MET B 9 26.19 43.30 12.19
CA MET B 9 26.52 41.94 12.53
C MET B 9 25.41 41.16 13.21
N HIS B 10 24.41 41.84 13.78
CA HIS B 10 23.26 41.16 14.37
C HIS B 10 22.47 40.50 13.26
N THR B 11 22.19 41.27 12.21
CA THR B 11 21.58 40.74 11.01
C THR B 11 22.39 39.68 10.36
N GLU B 12 23.71 39.87 10.28
CA GLU B 12 24.59 38.91 9.62
C GLU B 12 24.54 37.59 10.36
N LEU B 13 24.66 37.62 11.68
CA LEU B 13 24.71 36.37 12.41
C LEU B 13 23.42 35.65 12.40
N ALA B 14 22.32 36.37 12.54
CA ALA B 14 21.02 35.77 12.46
C ALA B 14 20.76 35.12 11.08
N SER B 15 21.08 35.84 10.00
CA SER B 15 20.91 35.28 8.65
C SER B 15 21.81 34.06 8.35
N ILE B 16 23.09 34.14 8.67
CA ILE B 16 24.00 33.06 8.31
C ILE B 16 23.67 31.81 9.15
N SER B 17 23.28 32.01 10.40
N SER B 17 23.28 32.01 10.41
CA SER B 17 22.93 30.87 11.26
CA SER B 17 22.94 30.86 11.28
C SER B 17 21.70 30.15 10.74
C SER B 17 21.70 30.15 10.75
N GLN B 18 20.73 30.91 10.24
CA GLN B 18 19.55 30.34 9.54
C GLN B 18 19.93 29.59 8.27
N LEU B 19 20.89 30.11 7.51
CA LEU B 19 21.39 29.40 6.32
C LEU B 19 22.07 28.05 6.69
N VAL B 20 22.83 28.06 7.78
CA VAL B 20 23.52 26.84 8.21
C VAL B 20 22.54 25.78 8.57
N ILE B 21 21.52 26.10 9.38
CA ILE B 21 20.42 25.19 9.76
C ILE B 21 19.73 24.62 8.55
N ALA B 22 19.47 25.45 7.56
CA ALA B 22 18.79 25.01 6.33
C ALA B 22 19.64 24.06 5.48
N LYS B 23 20.95 24.25 5.42
CA LYS B 23 21.79 23.61 4.42
C LYS B 23 22.80 22.59 4.96
N ILE B 24 23.05 22.57 6.28
CA ILE B 24 24.15 21.77 6.79
C ILE B 24 24.00 20.27 6.49
N GLU B 25 22.78 19.76 6.53
CA GLU B 25 22.60 18.35 6.24
C GLU B 25 23.04 17.98 4.80
N THR B 26 22.94 18.92 3.88
CA THR B 26 23.19 18.64 2.46
C THR B 26 24.70 18.60 2.14
N ILE B 27 25.55 19.05 3.05
CA ILE B 27 26.99 19.10 2.78
C ILE B 27 27.61 17.78 3.20
N ASP B 28 28.30 17.08 2.31
CA ASP B 28 28.94 15.80 2.59
C ASP B 28 29.96 16.02 3.72
N ASN B 29 29.99 15.09 4.65
CA ASN B 29 30.78 15.27 5.88
C ASN B 29 32.25 15.38 5.56
N ASP B 30 32.72 14.64 4.55
CA ASP B 30 34.15 14.68 4.20
C ASP B 30 34.46 16.04 3.59
N ILE B 31 33.51 16.61 2.86
CA ILE B 31 33.71 17.96 2.30
C ILE B 31 33.67 19.02 3.42
N LEU B 32 32.74 18.88 4.37
CA LEU B 32 32.69 19.81 5.50
C LEU B 32 34.02 19.83 6.24
N ASN B 33 34.55 18.64 6.52
CA ASN B 33 35.80 18.55 7.28
C ASN B 33 36.98 19.13 6.54
N LYS B 34 37.03 18.94 5.23
CA LYS B 34 38.05 19.58 4.37
C LYS B 34 37.94 21.08 4.43
N ASP B 35 36.72 21.59 4.37
CA ASP B 35 36.47 23.06 4.47
C ASP B 35 36.91 23.62 5.85
N ILE B 36 36.67 22.87 6.94
CA ILE B 36 37.11 23.30 8.28
C ILE B 36 38.65 23.37 8.35
N VAL B 37 39.34 22.36 7.82
CA VAL B 37 40.81 22.33 7.78
C VAL B 37 41.29 23.57 6.99
N ASN B 38 40.69 23.78 5.85
CA ASN B 38 41.07 24.93 5.00
C ASN B 38 40.86 26.27 5.72
N PHE B 39 39.74 26.43 6.42
CA PHE B 39 39.53 27.66 7.19
C PHE B 39 40.68 27.85 8.23
N ILE B 40 41.00 26.78 8.94
CA ILE B 40 42.06 26.81 9.96
C ILE B 40 43.43 27.24 9.29
N MET B 41 43.65 26.80 8.07
CA MET B 41 44.91 27.10 7.34
C MET B 41 44.84 28.37 6.46
N CYS B 42 43.80 29.17 6.67
N CYS B 42 43.82 29.18 6.68
CA CYS B 42 43.61 30.44 5.98
CA CYS B 42 43.66 30.47 6.01
C CYS B 42 43.40 30.28 4.51
C CYS B 42 43.41 30.29 4.52
N ARG B 43 42.56 29.32 4.16
CA ARG B 43 42.12 29.15 2.77
C ARG B 43 40.61 28.93 2.74
N SER B 44 39.84 29.80 3.39
CA SER B 44 38.38 29.69 3.48
C SER B 44 37.63 29.48 2.15
N ASN B 45 36.61 28.65 2.20
CA ASN B 45 35.59 28.60 1.17
C ASN B 45 34.31 29.18 1.76
N LEU B 46 34.07 30.45 1.48
CA LEU B 46 32.91 31.18 2.02
C LEU B 46 31.55 30.75 1.44
N ASP B 47 31.59 29.97 0.39
CA ASP B 47 30.39 29.30 -0.11
C ASP B 47 29.82 28.22 0.80
N ASN B 48 30.62 27.72 1.74
CA ASN B 48 30.09 26.83 2.74
C ASN B 48 29.55 27.71 3.87
N PRO B 49 28.22 27.70 4.14
CA PRO B 49 27.66 28.60 5.15
C PRO B 49 28.28 28.44 6.52
N PHE B 50 28.68 27.23 6.91
CA PHE B 50 29.32 27.11 8.21
C PHE B 50 30.68 27.82 8.25
N ILE B 51 31.40 27.79 7.12
CA ILE B 51 32.69 28.52 7.06
C ILE B 51 32.43 30.04 7.05
N SER B 52 31.39 30.47 6.34
CA SER B 52 30.99 31.90 6.44
C SER B 52 30.65 32.33 7.85
N PHE B 53 29.94 31.49 8.59
CA PHE B 53 29.70 31.71 10.03
C PHE B 53 30.99 31.82 10.82
N LEU B 54 31.91 30.87 10.62
CA LEU B 54 33.19 30.90 11.34
C LEU B 54 33.98 32.21 11.02
N ASP B 55 33.97 32.59 9.76
CA ASP B 55 34.69 33.79 9.34
C ASP B 55 34.06 35.03 9.92
N THR B 56 32.72 35.10 9.91
CA THR B 56 32.01 36.18 10.59
C THR B 56 32.38 36.22 12.09
N VAL B 57 32.39 35.09 12.77
CA VAL B 57 32.65 35.10 14.19
C VAL B 57 34.09 35.54 14.47
N TYR B 58 35.01 34.96 13.68
CA TYR B 58 36.43 35.35 13.79
C TYR B 58 36.59 36.86 13.68
N THR B 59 35.90 37.46 12.69
CA THR B 59 35.93 38.90 12.46
C THR B 59 35.34 39.70 13.61
N ILE B 60 34.21 39.23 14.11
CA ILE B 60 33.57 39.90 15.26
C ILE B 60 34.48 39.91 16.47
N ILE B 61 35.11 38.78 16.74
CA ILE B 61 35.95 38.66 17.96
C ILE B 61 37.14 39.57 17.89
N ASP B 62 37.72 39.66 16.69
CA ASP B 62 38.69 40.67 16.36
C ASP B 62 39.93 40.67 17.27
N GLN B 63 40.46 39.48 17.58
N GLN B 63 40.45 39.48 17.59
CA GLN B 63 41.60 39.39 18.49
CA GLN B 63 41.58 39.38 18.51
C GLN B 63 42.84 38.81 17.84
C GLN B 63 42.84 38.81 17.84
N GLU B 64 42.91 38.86 16.51
CA GLU B 64 44.02 38.22 15.81
C GLU B 64 45.41 38.73 16.29
N ASN B 65 45.61 40.04 16.41
CA ASN B 65 46.94 40.56 16.81
C ASN B 65 47.33 40.17 18.26
N TYR B 66 46.38 40.33 19.18
CA TYR B 66 46.59 39.93 20.59
C TYR B 66 46.92 38.46 20.70
N GLN B 67 46.17 37.62 20.00
CA GLN B 67 46.36 36.16 20.17
C GLN B 67 47.65 35.68 19.55
N THR B 68 48.08 36.34 18.47
CA THR B 68 49.39 36.14 17.84
C THR B 68 50.58 36.43 18.74
N GLU B 69 50.53 37.57 19.43
CA GLU B 69 51.53 37.90 20.44
C GLU B 69 51.48 36.83 21.58
N LEU B 70 50.29 36.49 22.03
CA LEU B 70 50.17 35.52 23.11
C LEU B 70 50.75 34.14 22.70
N ILE B 71 50.32 33.65 21.55
CA ILE B 71 50.82 32.39 21.03
C ILE B 71 52.37 32.39 20.82
N ASN B 72 52.92 33.51 20.38
CA ASN B 72 54.38 33.70 20.29
C ASN B 72 55.12 33.51 21.61
N SER B 73 54.49 33.81 22.72
CA SER B 73 55.08 33.65 24.01
C SER B 73 55.01 32.19 24.50
N LEU B 74 54.27 31.30 23.81
CA LEU B 74 54.14 29.91 24.27
C LEU B 74 55.25 28.99 23.79
N ASP B 75 55.58 27.99 24.59
CA ASP B 75 56.54 26.97 24.16
C ASP B 75 55.81 25.75 23.60
N ASP B 76 56.59 24.81 23.07
CA ASP B 76 55.96 23.68 22.39
C ASP B 76 55.05 22.84 23.28
N ASN B 77 55.45 22.70 24.54
CA ASN B 77 54.70 21.95 25.51
C ASN B 77 53.31 22.58 25.78
N GLU B 78 53.29 23.90 25.94
CA GLU B 78 52.04 24.68 26.05
C GLU B 78 51.18 24.57 24.83
N ILE B 79 51.78 24.55 23.64
CA ILE B 79 51.00 24.43 22.41
C ILE B 79 50.37 23.04 22.31
N ILE B 80 51.15 22.02 22.63
CA ILE B 80 50.63 20.65 22.63
C ILE B 80 49.45 20.54 23.56
N ASP B 81 49.60 21.09 24.74
N ASP B 81 49.60 21.10 24.75
CA ASP B 81 48.53 21.08 25.73
CA ASP B 81 48.55 21.13 25.79
C ASP B 81 47.29 21.74 25.15
C ASP B 81 47.29 21.79 25.19
N CYS B 82 47.48 22.91 24.52
N CYS B 82 47.45 22.94 24.53
CA CYS B 82 46.38 23.67 23.87
CA CYS B 82 46.33 23.61 23.91
C CYS B 82 45.64 22.79 22.83
C CYS B 82 45.63 22.78 22.82
N ILE B 83 46.43 22.19 21.95
CA ILE B 83 45.87 21.38 20.87
C ILE B 83 45.09 20.21 21.39
N VAL B 84 45.68 19.46 22.30
CA VAL B 84 45.01 18.29 22.85
C VAL B 84 43.73 18.67 23.61
N ASN B 85 43.80 19.72 24.43
N ASN B 85 43.81 19.72 24.44
CA ASN B 85 42.63 20.22 25.16
CA ASN B 85 42.66 20.21 25.18
C ASN B 85 41.50 20.64 24.23
C ASN B 85 41.51 20.65 24.24
N LYS B 86 41.81 21.45 23.23
CA LYS B 86 40.71 21.97 22.39
C LYS B 86 40.12 20.83 21.52
N PHE B 87 40.99 19.94 21.04
CA PHE B 87 40.54 18.88 20.08
C PHE B 87 39.41 18.06 20.60
N MET B 88 39.40 17.78 21.91
CA MET B 88 38.40 16.89 22.44
C MET B 88 37.00 17.48 22.22
N SER B 89 36.85 18.80 22.03
N SER B 89 36.85 18.81 22.03
CA SER B 89 35.53 19.38 21.81
CA SER B 89 35.53 19.41 21.80
C SER B 89 34.85 18.78 20.57
C SER B 89 34.85 18.79 20.57
N PHE B 90 35.65 18.38 19.57
CA PHE B 90 35.09 17.84 18.35
C PHE B 90 34.34 16.51 18.56
N TYR B 91 34.58 15.85 19.71
CA TYR B 91 33.95 14.59 19.98
C TYR B 91 32.76 14.75 20.93
N LYS B 92 32.48 15.97 21.33
CA LYS B 92 31.43 16.24 22.35
C LYS B 92 30.29 17.01 21.68
N ASP B 93 29.27 17.36 22.46
N ASP B 93 29.26 17.35 22.45
CA ASP B 93 28.04 17.96 21.96
CA ASP B 93 28.04 17.93 21.97
C ASP B 93 27.88 19.45 22.23
C ASP B 93 27.88 19.44 22.25
N ASN B 94 28.98 20.16 22.49
CA ASN B 94 28.95 21.59 22.80
C ASN B 94 29.53 22.35 21.61
N LEU B 95 28.68 23.00 20.84
CA LEU B 95 29.12 23.77 19.68
C LEU B 95 29.98 24.99 20.02
N GLU B 96 29.68 25.73 21.09
CA GLU B 96 30.52 26.84 21.46
C GLU B 96 31.97 26.37 21.60
N ASN B 97 32.15 25.23 22.21
CA ASN B 97 33.52 24.71 22.44
C ASN B 97 34.19 24.26 21.15
N ILE B 98 33.42 23.71 20.23
CA ILE B 98 33.90 23.41 18.88
C ILE B 98 34.31 24.62 18.09
N VAL B 99 33.52 25.67 18.12
CA VAL B 99 33.88 26.92 17.42
C VAL B 99 35.15 27.54 18.02
N ASP B 100 35.20 27.55 19.35
CA ASP B 100 36.39 28.04 20.06
C ASP B 100 37.61 27.21 19.65
N ALA B 101 37.48 25.88 19.55
CA ALA B 101 38.55 25.04 19.17
C ALA B 101 39.04 25.38 17.78
N ILE B 102 38.12 25.47 16.82
CA ILE B 102 38.50 25.81 15.46
C ILE B 102 39.21 27.17 15.35
N ILE B 103 38.71 28.18 16.02
CA ILE B 103 39.28 29.51 15.94
C ILE B 103 40.65 29.51 16.62
N THR B 104 40.77 28.83 17.74
CA THR B 104 42.06 28.73 18.43
C THR B 104 43.09 28.03 17.53
N LEU B 105 42.69 26.95 16.86
CA LEU B 105 43.59 26.25 15.92
C LEU B 105 44.03 27.19 14.76
N LYS B 106 43.14 28.02 14.24
CA LYS B 106 43.49 29.03 13.26
C LYS B 106 44.55 30.00 13.83
N TYR B 107 44.35 30.52 15.04
CA TYR B 107 45.39 31.40 15.62
C TYR B 107 46.76 30.68 15.71
N ILE B 108 46.75 29.41 16.11
CA ILE B 108 47.99 28.65 16.23
C ILE B 108 48.65 28.43 14.85
N MET B 109 47.86 28.09 13.84
CA MET B 109 48.37 27.96 12.47
C MET B 109 48.80 29.28 11.85
N ASN B 110 48.41 30.41 12.43
CA ASN B 110 48.90 31.76 11.98
C ASN B 110 50.41 31.96 12.39
N ASN B 111 50.96 31.06 13.22
CA ASN B 111 52.40 31.06 13.65
C ASN B 111 53.21 30.10 12.77
N PRO B 112 54.12 30.60 11.93
CA PRO B 112 54.79 29.73 10.90
C PRO B 112 55.63 28.54 11.39
N ASP B 113 56.29 28.71 12.58
CA ASP B 113 56.87 27.58 13.31
C ASP B 113 55.80 26.48 13.71
N PHE B 114 54.66 26.89 14.33
CA PHE B 114 53.67 25.90 14.80
C PHE B 114 52.89 25.28 13.63
N LYS B 115 52.68 26.03 12.56
CA LYS B 115 52.04 25.46 11.38
C LYS B 115 52.93 24.37 10.79
N THR B 116 54.24 24.64 10.69
CA THR B 116 55.17 23.65 10.15
C THR B 116 55.18 22.37 10.97
N THR B 117 55.17 22.52 12.30
CA THR B 117 55.15 21.34 13.20
C THR B 117 53.82 20.56 13.25
N TYR B 118 52.67 21.26 13.30
CA TYR B 118 51.41 20.62 13.65
C TYR B 118 50.33 20.60 12.57
N ALA B 119 50.56 21.21 11.39
CA ALA B 119 49.47 21.27 10.41
C ALA B 119 49.01 19.90 9.90
N GLU B 120 49.94 19.01 9.63
CA GLU B 120 49.59 17.69 9.10
C GLU B 120 48.75 16.86 10.09
N VAL B 121 49.13 16.84 11.37
CA VAL B 121 48.36 16.05 12.33
C VAL B 121 46.96 16.66 12.53
N LEU B 122 46.85 17.98 12.56
CA LEU B 122 45.52 18.62 12.61
C LEU B 122 44.65 18.24 11.43
N GLY B 123 45.20 18.24 10.24
CA GLY B 123 44.44 17.88 9.05
C GLY B 123 43.98 16.44 9.09
N SER B 124 44.89 15.56 9.47
N SER B 124 44.88 15.55 9.46
CA SER B 124 44.62 14.15 9.64
CA SER B 124 44.57 14.14 9.61
C SER B 124 43.50 13.86 10.65
C SER B 124 43.49 13.87 10.64
N ARG B 125 43.57 14.51 11.80
CA ARG B 125 42.58 14.24 12.89
C ARG B 125 41.22 14.90 12.62
N ILE B 126 41.20 16.09 12.05
CA ILE B 126 39.92 16.71 11.71
C ILE B 126 39.13 15.84 10.71
N ALA B 127 39.82 15.16 9.83
CA ALA B 127 39.15 14.33 8.85
C ALA B 127 38.27 13.27 9.47
N ASP B 128 38.54 12.87 10.74
CA ASP B 128 37.73 11.86 11.36
C ASP B 128 36.50 12.37 12.16
N ILE B 129 36.27 13.69 12.24
CA ILE B 129 35.19 14.19 13.10
C ILE B 129 33.85 14.10 12.39
N ASP B 130 32.80 14.25 13.15
CA ASP B 130 31.43 14.20 12.62
C ASP B 130 30.52 15.11 13.42
N ILE B 131 30.48 16.38 13.03
CA ILE B 131 29.87 17.45 13.86
C ILE B 131 28.61 18.06 13.21
N LYS B 132 28.15 17.49 12.12
CA LYS B 132 26.96 18.04 11.45
C LYS B 132 25.70 18.29 12.31
N GLN B 133 25.36 17.30 13.11
CA GLN B 133 24.16 17.42 13.95
C GLN B 133 24.38 18.41 15.06
N VAL B 134 25.58 18.44 15.63
CA VAL B 134 25.89 19.38 16.68
C VAL B 134 25.80 20.82 16.17
N ILE B 135 26.25 21.03 14.94
CA ILE B 135 26.10 22.33 14.35
C ILE B 135 24.65 22.72 14.17
N ARG B 136 23.86 21.86 13.54
CA ARG B 136 22.47 22.15 13.35
C ARG B 136 21.71 22.52 14.65
N GLU B 137 21.91 21.72 15.68
CA GLU B 137 21.13 21.79 16.85
C GLU B 137 21.43 22.97 17.73
N ASN B 138 22.64 23.50 17.60
CA ASN B 138 23.14 24.47 18.55
C ASN B 138 23.48 25.81 17.94
N ILE B 139 23.47 25.90 16.62
CA ILE B 139 23.99 27.14 16.00
C ILE B 139 23.15 28.40 16.32
N LEU B 140 21.83 28.29 16.38
CA LEU B 140 21.01 29.44 16.67
C LEU B 140 21.31 30.01 18.03
N GLN B 141 21.35 29.15 19.02
CA GLN B 141 21.67 29.56 20.36
C GLN B 141 23.06 30.20 20.43
N LEU B 142 24.03 29.58 19.75
CA LEU B 142 25.40 30.09 19.76
C LEU B 142 25.43 31.48 19.09
N SER B 143 24.68 31.64 18.02
CA SER B 143 24.55 32.95 17.35
C SER B 143 24.02 34.04 18.31
N ASN B 144 22.98 33.73 19.09
CA ASN B 144 22.53 34.66 20.13
C ASN B 144 23.55 34.93 21.17
N ASP B 145 24.28 33.92 21.62
CA ASP B 145 25.25 34.08 22.70
C ASP B 145 26.40 34.98 22.23
N ILE B 146 26.79 34.81 20.98
CA ILE B 146 27.84 35.63 20.40
C ILE B 146 27.39 37.08 20.22
N ARG B 147 26.16 37.29 19.78
CA ARG B 147 25.63 38.64 19.68
C ARG B 147 25.64 39.34 21.03
N GLU B 148 25.19 38.64 22.07
CA GLU B 148 25.12 39.18 23.41
C GLU B 148 26.52 39.52 23.96
N ARG B 149 27.49 38.67 23.75
CA ARG B 149 28.81 38.84 24.30
C ARG B 149 29.68 39.88 23.58
N TYR B 150 29.60 39.91 22.25
CA TYR B 150 30.51 40.69 21.45
C TYR B 150 29.94 41.89 20.76
N LEU B 151 28.63 42.00 20.68
CA LEU B 151 28.02 43.14 19.99
C LEU B 151 27.19 44.01 20.93
N GLY B 152 26.76 45.17 20.40
CA GLY B 152 25.94 46.16 21.15
C GLY B 152 24.45 46.04 20.83
N VAL C 2 -44.75 16.88 -26.99
CA VAL C 2 -43.52 16.86 -27.84
C VAL C 2 -43.96 16.47 -29.23
N LEU C 3 -43.95 15.19 -29.53
CA LEU C 3 -44.76 14.68 -30.62
C LEU C 3 -45.79 13.58 -30.22
N GLY C 4 -47.07 13.88 -30.46
CA GLY C 4 -48.15 12.90 -30.48
C GLY C 4 -49.13 12.90 -29.32
N TYR C 5 -49.13 13.93 -28.44
CA TYR C 5 -50.28 14.14 -27.46
C TYR C 5 -51.29 15.28 -27.80
N VAL C 6 -52.52 14.89 -28.11
CA VAL C 6 -53.55 15.83 -28.54
C VAL C 6 -53.91 16.78 -27.39
N SER C 7 -54.03 16.23 -26.18
CA SER C 7 -54.55 16.98 -25.04
C SER C 7 -53.65 16.75 -23.82
N ASP C 8 -54.20 16.86 -22.61
CA ASP C 8 -53.39 16.75 -21.41
C ASP C 8 -53.13 15.27 -21.06
N MET C 9 -52.39 15.02 -19.99
CA MET C 9 -52.06 13.61 -19.61
C MET C 9 -53.17 12.85 -18.90
N HIS C 10 -54.15 13.57 -18.32
CA HIS C 10 -55.34 12.91 -17.79
C HIS C 10 -56.13 12.26 -18.93
N THR C 11 -56.35 13.02 -19.97
CA THR C 11 -57.02 12.49 -21.15
C THR C 11 -56.20 11.39 -21.78
N GLU C 12 -54.87 11.56 -21.83
CA GLU C 12 -54.05 10.58 -22.52
C GLU C 12 -54.12 9.25 -21.79
N LEU C 13 -54.01 9.29 -20.47
CA LEU C 13 -53.95 8.05 -19.71
C LEU C 13 -55.28 7.33 -19.70
N ALA C 14 -56.32 8.08 -19.61
CA ALA C 14 -57.68 7.50 -19.75
C ALA C 14 -57.85 6.85 -21.12
N SER C 15 -57.50 7.56 -22.18
CA SER C 15 -57.71 7.06 -23.54
C SER C 15 -56.82 5.86 -23.86
N ILE C 16 -55.54 5.90 -23.47
CA ILE C 16 -54.65 4.80 -23.86
C ILE C 16 -54.96 3.52 -23.03
N SER C 17 -55.36 3.71 -21.78
N SER C 17 -55.38 3.70 -21.78
CA SER C 17 -55.78 2.55 -20.93
CA SER C 17 -55.80 2.56 -20.95
C SER C 17 -57.03 1.88 -21.48
C SER C 17 -57.02 1.87 -21.50
N GLN C 18 -57.93 2.66 -22.03
CA GLN C 18 -59.09 2.15 -22.74
C GLN C 18 -58.69 1.41 -24.00
N LEU C 19 -57.71 1.94 -24.75
CA LEU C 19 -57.23 1.26 -25.97
C LEU C 19 -56.56 -0.07 -25.64
N VAL C 20 -55.80 -0.11 -24.53
CA VAL C 20 -55.20 -1.34 -24.12
C VAL C 20 -56.27 -2.44 -23.86
N ILE C 21 -57.29 -2.10 -23.07
N ILE C 21 -57.28 -2.10 -23.09
CA ILE C 21 -58.42 -3.01 -22.80
CA ILE C 21 -58.33 -3.07 -22.83
C ILE C 21 -59.06 -3.49 -24.10
C ILE C 21 -59.07 -3.50 -24.10
N ALA C 22 -59.27 -2.56 -25.04
CA ALA C 22 -59.98 -2.89 -26.33
C ALA C 22 -59.15 -3.78 -27.23
N LYS C 23 -57.82 -3.71 -27.12
CA LYS C 23 -56.94 -4.38 -28.07
C LYS C 23 -56.11 -5.56 -27.53
N ILE C 24 -56.02 -5.73 -26.20
CA ILE C 24 -55.04 -6.65 -25.60
C ILE C 24 -55.32 -8.10 -26.11
N GLU C 25 -56.55 -8.48 -26.46
CA GLU C 25 -56.81 -9.84 -27.00
C GLU C 25 -56.25 -10.08 -28.42
N THR C 26 -56.02 -9.01 -29.17
CA THR C 26 -55.57 -9.09 -30.54
C THR C 26 -54.06 -9.19 -30.60
N ILE C 27 -53.39 -9.08 -29.46
CA ILE C 27 -51.94 -9.17 -29.46
C ILE C 27 -51.47 -10.50 -28.86
N ASP C 28 -50.82 -11.28 -29.70
N ASP C 28 -50.80 -11.28 -29.69
CA ASP C 28 -50.27 -12.56 -29.32
CA ASP C 28 -50.24 -12.53 -29.26
C ASP C 28 -49.26 -12.35 -28.16
C ASP C 28 -49.26 -12.33 -28.14
N ASN C 29 -49.26 -13.25 -27.18
CA ASN C 29 -48.38 -13.11 -26.02
C ASN C 29 -46.91 -13.03 -26.36
N ASP C 30 -46.47 -13.76 -27.36
N ASP C 30 -46.47 -13.75 -27.36
CA ASP C 30 -45.04 -13.76 -27.73
CA ASP C 30 -45.06 -13.74 -27.75
C ASP C 30 -44.69 -12.41 -28.35
C ASP C 30 -44.69 -12.40 -28.35
N ILE C 31 -45.63 -11.81 -29.08
CA ILE C 31 -45.40 -10.50 -29.68
C ILE C 31 -45.40 -9.43 -28.58
N LEU C 32 -46.32 -9.55 -27.63
CA LEU C 32 -46.37 -8.62 -26.52
C LEU C 32 -45.03 -8.59 -25.77
N ASN C 33 -44.51 -9.76 -25.48
CA ASN C 33 -43.26 -9.86 -24.76
C ASN C 33 -42.08 -9.31 -25.53
N LYS C 34 -42.02 -9.58 -26.83
CA LYS C 34 -40.98 -8.95 -27.65
C LYS C 34 -41.08 -7.42 -27.61
N ASP C 35 -42.31 -6.90 -27.69
CA ASP C 35 -42.55 -5.46 -27.64
C ASP C 35 -42.14 -4.84 -26.29
N ILE C 36 -42.37 -5.55 -25.19
CA ILE C 36 -41.87 -5.16 -23.88
C ILE C 36 -40.33 -5.07 -23.88
N VAL C 37 -39.64 -6.13 -24.37
CA VAL C 37 -38.17 -6.14 -24.48
C VAL C 37 -37.70 -4.90 -25.29
N ASN C 38 -38.31 -4.71 -26.43
CA ASN C 38 -37.90 -3.56 -27.29
C ASN C 38 -38.11 -2.20 -26.59
N PHE C 39 -39.20 -2.05 -25.85
CA PHE C 39 -39.40 -0.82 -25.05
C PHE C 39 -38.22 -0.63 -24.05
N ILE C 40 -37.89 -1.70 -23.32
CA ILE C 40 -36.79 -1.67 -22.36
C ILE C 40 -35.46 -1.23 -23.01
N MET C 41 -35.24 -1.68 -24.25
CA MET C 41 -34.03 -1.41 -25.05
C MET C 41 -34.09 -0.15 -25.91
N CYS C 42 -35.12 0.67 -25.69
N CYS C 42 -35.11 0.68 -25.68
CA CYS C 42 -35.31 1.93 -26.40
CA CYS C 42 -35.26 1.97 -26.39
C CYS C 42 -35.49 1.74 -27.89
C CYS C 42 -35.49 1.74 -27.89
N ARG C 43 -36.30 0.75 -28.25
CA ARG C 43 -36.77 0.57 -29.62
C ARG C 43 -38.31 0.36 -29.57
N SER C 44 -39.03 1.25 -28.92
CA SER C 44 -40.52 1.15 -28.80
C SER C 44 -41.27 0.92 -30.11
N ASN C 45 -42.29 0.08 -30.02
CA ASN C 45 -43.32 0.06 -31.06
C ASN C 45 -44.60 0.68 -30.45
N LEU C 46 -44.81 2.00 -30.74
CA LEU C 46 -45.93 2.76 -30.15
C LEU C 46 -47.29 2.31 -30.69
N ASP C 47 -47.27 1.55 -31.75
CA ASP C 47 -48.50 0.92 -32.27
C ASP C 47 -49.08 -0.16 -31.36
N ASN C 48 -48.28 -0.69 -30.47
CA ASN C 48 -48.81 -1.58 -29.45
C ASN C 48 -49.33 -0.69 -28.34
N PRO C 49 -50.66 -0.71 -28.07
CA PRO C 49 -51.14 0.21 -27.03
C PRO C 49 -50.55 0.04 -25.65
N PHE C 50 -50.20 -1.18 -25.21
CA PHE C 50 -49.56 -1.32 -23.94
C PHE C 50 -48.20 -0.59 -23.91
N ILE C 51 -47.47 -0.63 -25.00
CA ILE C 51 -46.16 0.07 -25.11
C ILE C 51 -46.36 1.61 -25.16
N SER C 52 -47.39 2.10 -25.88
CA SER C 52 -47.76 3.53 -25.74
C SER C 52 -48.11 3.94 -24.28
N PHE C 53 -48.86 3.10 -23.55
CA PHE C 53 -49.15 3.25 -22.14
C PHE C 53 -47.84 3.36 -21.35
N LEU C 54 -46.95 2.42 -21.55
CA LEU C 54 -45.64 2.46 -20.82
C LEU C 54 -44.88 3.75 -21.12
N ASP C 55 -44.81 4.13 -22.39
CA ASP C 55 -44.09 5.34 -22.81
C ASP C 55 -44.71 6.59 -22.21
N THR C 56 -46.02 6.64 -22.19
CA THR C 56 -46.71 7.71 -21.51
C THR C 56 -46.38 7.78 -20.02
N VAL C 57 -46.39 6.64 -19.33
CA VAL C 57 -46.11 6.64 -17.93
C VAL C 57 -44.68 7.05 -17.62
N TYR C 58 -43.77 6.50 -18.39
CA TYR C 58 -42.39 6.88 -18.32
C TYR C 58 -42.21 8.43 -18.45
N THR C 59 -42.90 9.04 -19.44
CA THR C 59 -42.82 10.47 -19.71
C THR C 59 -43.39 11.27 -18.53
N ILE C 60 -44.53 10.82 -18.02
CA ILE C 60 -45.17 11.47 -16.85
C ILE C 60 -44.30 11.48 -15.60
N ILE C 61 -43.73 10.35 -15.28
CA ILE C 61 -42.86 10.22 -14.15
C ILE C 61 -41.67 11.14 -14.26
N ASP C 62 -41.08 11.21 -15.47
CA ASP C 62 -40.10 12.20 -15.78
C ASP C 62 -38.88 12.20 -14.85
N GLN C 63 -38.34 11.04 -14.56
N GLN C 63 -38.34 11.03 -14.54
CA GLN C 63 -37.18 10.95 -13.65
CA GLN C 63 -37.20 10.93 -13.63
C GLN C 63 -35.95 10.35 -14.30
C GLN C 63 -35.95 10.35 -14.30
N GLU C 64 -35.87 10.42 -15.65
CA GLU C 64 -34.78 9.78 -16.36
C GLU C 64 -33.39 10.26 -15.86
N ASN C 65 -33.17 11.57 -15.79
CA ASN C 65 -31.84 12.07 -15.37
C ASN C 65 -31.47 11.64 -13.94
N TYR C 66 -32.42 11.80 -13.00
CA TYR C 66 -32.15 11.40 -11.59
C TYR C 66 -31.84 9.93 -11.52
N GLN C 67 -32.62 9.09 -12.18
CA GLN C 67 -32.45 7.61 -12.02
C GLN C 67 -31.18 7.14 -12.72
N THR C 68 -30.76 7.84 -13.75
CA THR C 68 -29.48 7.62 -14.43
C THR C 68 -28.30 7.87 -13.51
N GLU C 69 -28.33 9.00 -12.78
CA GLU C 69 -27.33 9.33 -11.80
C GLU C 69 -27.36 8.27 -10.69
N LEU C 70 -28.54 7.92 -10.21
CA LEU C 70 -28.67 6.92 -9.15
C LEU C 70 -28.09 5.56 -9.60
N ILE C 71 -28.48 5.12 -10.78
CA ILE C 71 -27.98 3.86 -11.34
C ILE C 71 -26.47 3.87 -11.58
N ASN C 72 -25.92 4.99 -12.00
CA ASN C 72 -24.45 5.15 -12.08
C ASN C 72 -23.71 4.98 -10.78
N SER C 73 -24.35 5.28 -9.67
CA SER C 73 -23.74 5.14 -8.37
C SER C 73 -23.76 3.68 -7.91
N LEU C 74 -24.47 2.80 -8.61
CA LEU C 74 -24.57 1.42 -8.16
C LEU C 74 -23.42 0.56 -8.66
N ASP C 75 -23.03 -0.42 -7.86
CA ASP C 75 -22.10 -1.45 -8.36
C ASP C 75 -22.83 -2.68 -8.96
N ASP C 76 -22.06 -3.60 -9.52
CA ASP C 76 -22.68 -4.74 -10.22
C ASP C 76 -23.55 -5.60 -9.32
N ASN C 77 -23.13 -5.74 -8.07
CA ASN C 77 -23.93 -6.51 -7.10
C ASN C 77 -25.28 -5.93 -6.75
N GLU C 78 -25.31 -4.60 -6.57
CA GLU C 78 -26.55 -3.84 -6.43
C GLU C 78 -27.44 -3.90 -7.67
N ILE C 79 -26.86 -3.83 -8.87
CA ILE C 79 -27.64 -4.00 -10.12
C ILE C 79 -28.26 -5.39 -10.24
N ILE C 80 -27.48 -6.42 -9.93
CA ILE C 80 -28.02 -7.78 -9.92
C ILE C 80 -29.17 -7.89 -8.95
N ASP C 81 -28.98 -7.36 -7.75
N ASP C 81 -28.98 -7.33 -7.76
CA ASP C 81 -30.07 -7.36 -6.75
CA ASP C 81 -30.04 -7.28 -6.72
C ASP C 81 -31.33 -6.67 -7.29
C ASP C 81 -31.33 -6.61 -7.26
N CYS C 82 -31.15 -5.49 -7.92
N CYS C 82 -31.16 -5.45 -7.92
CA CYS C 82 -32.24 -4.73 -8.55
CA CYS C 82 -32.30 -4.75 -8.52
C CYS C 82 -33.01 -5.57 -9.58
C CYS C 82 -33.02 -5.58 -9.58
N ILE C 83 -32.23 -6.14 -10.50
CA ILE C 83 -32.81 -6.96 -11.60
C ILE C 83 -33.61 -8.11 -11.05
N VAL C 84 -33.01 -8.88 -10.18
CA VAL C 84 -33.69 -10.03 -9.60
C VAL C 84 -34.94 -9.59 -8.86
N ASN C 85 -34.84 -8.54 -8.05
CA ASN C 85 -35.99 -8.04 -7.26
C ASN C 85 -37.11 -7.61 -8.14
N LYS C 86 -36.83 -6.82 -9.17
CA LYS C 86 -37.93 -6.28 -9.98
C LYS C 86 -38.55 -7.41 -10.86
N PHE C 87 -37.70 -8.33 -11.30
CA PHE C 87 -38.18 -9.42 -12.21
C PHE C 87 -39.28 -10.23 -11.63
N MET C 88 -39.28 -10.44 -10.34
CA MET C 88 -40.26 -11.30 -9.73
C MET C 88 -41.68 -10.73 -9.87
N SER C 89 -41.84 -9.42 -10.07
N SER C 89 -41.85 -9.41 -10.08
CA SER C 89 -43.16 -8.83 -10.26
CA SER C 89 -43.16 -8.81 -10.28
C SER C 89 -43.86 -9.41 -11.49
C SER C 89 -43.85 -9.41 -11.49
N PHE C 90 -43.10 -9.81 -12.50
CA PHE C 90 -43.68 -10.44 -13.70
C PHE C 90 -44.42 -11.76 -13.38
N TYR C 91 -44.11 -12.40 -12.26
CA TYR C 91 -44.72 -13.65 -11.91
C TYR C 91 -45.86 -13.46 -10.92
N LYS C 92 -46.13 -12.21 -10.52
CA LYS C 92 -47.14 -11.92 -9.48
C LYS C 92 -48.32 -11.15 -10.08
N ASP C 93 -49.30 -10.79 -9.26
N ASP C 93 -49.29 -10.79 -9.25
CA ASP C 93 -50.57 -10.25 -9.77
CA ASP C 93 -50.57 -10.29 -9.76
C ASP C 93 -50.77 -8.76 -9.57
C ASP C 93 -50.78 -8.77 -9.56
N ASN C 94 -49.69 -8.03 -9.39
CA ASN C 94 -49.77 -6.59 -9.19
C ASN C 94 -49.26 -5.84 -10.41
N LEU C 95 -50.14 -5.15 -11.12
CA LEU C 95 -49.73 -4.46 -12.34
C LEU C 95 -48.84 -3.27 -12.10
N GLU C 96 -49.09 -2.49 -11.03
CA GLU C 96 -48.23 -1.36 -10.73
C GLU C 96 -46.78 -1.80 -10.58
N ASN C 97 -46.59 -2.95 -9.96
CA ASN C 97 -45.23 -3.48 -9.75
C ASN C 97 -44.57 -3.96 -11.04
N ILE C 98 -45.40 -4.50 -11.96
CA ILE C 98 -44.91 -4.89 -13.30
C ILE C 98 -44.49 -3.70 -14.10
N VAL C 99 -45.33 -2.64 -14.08
CA VAL C 99 -44.99 -1.42 -14.74
C VAL C 99 -43.71 -0.77 -14.18
N ASP C 100 -43.61 -0.71 -12.86
CA ASP C 100 -42.36 -0.25 -12.21
C ASP C 100 -41.15 -1.10 -12.61
N ALA C 101 -41.32 -2.43 -12.72
CA ALA C 101 -40.21 -3.29 -13.13
C ALA C 101 -39.75 -2.99 -14.54
N ILE C 102 -40.69 -2.84 -15.47
CA ILE C 102 -40.36 -2.57 -16.86
C ILE C 102 -39.66 -1.25 -17.02
N ILE C 103 -40.16 -0.24 -16.31
CA ILE C 103 -39.54 1.10 -16.41
C ILE C 103 -38.15 1.11 -15.74
N THR C 104 -38.00 0.41 -14.61
CA THR C 104 -36.68 0.28 -13.95
C THR C 104 -35.67 -0.41 -14.82
N LEU C 105 -36.11 -1.49 -15.52
CA LEU C 105 -35.23 -2.16 -16.46
C LEU C 105 -34.81 -1.22 -17.59
N LYS C 106 -35.74 -0.40 -18.09
CA LYS C 106 -35.40 0.58 -19.14
C LYS C 106 -34.31 1.55 -18.58
N TYR C 107 -34.47 2.04 -17.37
CA TYR C 107 -33.42 2.93 -16.78
C TYR C 107 -32.06 2.24 -16.72
N ILE C 108 -32.07 0.97 -16.35
CA ILE C 108 -30.79 0.21 -16.25
C ILE C 108 -30.15 0.03 -17.63
N MET C 109 -30.99 -0.23 -18.66
CA MET C 109 -30.51 -0.40 -20.01
C MET C 109 -30.08 0.91 -20.65
N ASN C 110 -30.48 2.05 -20.07
CA ASN C 110 -30.01 3.40 -20.50
C ASN C 110 -28.50 3.57 -20.14
N ASN C 111 -27.93 2.66 -19.33
CA ASN C 111 -26.50 2.65 -18.94
C ASN C 111 -25.78 1.67 -19.88
N PRO C 112 -24.91 2.17 -20.81
CA PRO C 112 -24.28 1.28 -21.80
C PRO C 112 -23.43 0.12 -21.28
N ASP C 113 -22.78 0.28 -20.13
CA ASP C 113 -22.08 -0.84 -19.47
C ASP C 113 -23.10 -1.93 -19.04
N PHE C 114 -24.19 -1.52 -18.38
CA PHE C 114 -25.18 -2.51 -17.84
C PHE C 114 -25.96 -3.14 -19.00
N LYS C 115 -26.16 -2.40 -20.09
CA LYS C 115 -26.83 -2.96 -21.24
C LYS C 115 -26.02 -4.05 -21.87
N THR C 116 -24.71 -3.79 -22.00
CA THR C 116 -23.84 -4.82 -22.50
C THR C 116 -23.85 -6.09 -21.65
N THR C 117 -23.75 -5.93 -20.35
CA THR C 117 -23.72 -7.08 -19.45
C THR C 117 -25.06 -7.86 -19.39
N TYR C 118 -26.19 -7.14 -19.35
CA TYR C 118 -27.44 -7.80 -18.94
C TYR C 118 -28.52 -7.86 -19.99
N ALA C 119 -28.34 -7.26 -21.16
CA ALA C 119 -29.46 -7.21 -22.13
C ALA C 119 -29.91 -8.57 -22.62
N GLU C 120 -28.97 -9.47 -22.89
CA GLU C 120 -29.33 -10.80 -23.37
C GLU C 120 -30.17 -11.61 -22.37
N VAL C 121 -29.76 -11.62 -21.12
CA VAL C 121 -30.53 -12.38 -20.15
C VAL C 121 -31.92 -11.76 -19.96
N LEU C 122 -32.06 -10.44 -19.98
CA LEU C 122 -33.37 -9.81 -19.81
C LEU C 122 -34.27 -10.20 -20.95
N GLY C 123 -33.73 -10.24 -22.16
CA GLY C 123 -34.49 -10.60 -23.31
C GLY C 123 -34.97 -12.03 -23.25
N SER C 124 -34.06 -12.91 -22.88
N SER C 124 -34.05 -12.91 -22.88
CA SER C 124 -34.40 -14.33 -22.70
CA SER C 124 -34.35 -14.32 -22.68
C SER C 124 -35.45 -14.58 -21.66
C SER C 124 -35.44 -14.59 -21.65
N ARG C 125 -35.34 -13.94 -20.49
CA ARG C 125 -36.29 -14.22 -19.39
C ARG C 125 -37.66 -13.56 -19.64
N ILE C 126 -37.69 -12.37 -20.23
CA ILE C 126 -39.00 -11.71 -20.48
C ILE C 126 -39.81 -12.55 -21.46
N ALA C 127 -39.12 -13.27 -22.35
CA ALA C 127 -39.84 -14.09 -23.31
C ALA C 127 -40.74 -15.12 -22.62
N ASP C 128 -40.43 -15.50 -21.37
CA ASP C 128 -41.23 -16.53 -20.69
C ASP C 128 -42.37 -16.02 -19.79
N ILE C 129 -42.60 -14.72 -19.76
CA ILE C 129 -43.67 -14.19 -18.92
C ILE C 129 -45.04 -14.30 -19.56
N ASP C 130 -46.04 -14.10 -18.75
CA ASP C 130 -47.43 -14.19 -19.19
C ASP C 130 -48.30 -13.26 -18.37
N ILE C 131 -48.41 -12.02 -18.79
CA ILE C 131 -49.01 -10.97 -17.96
C ILE C 131 -50.34 -10.41 -18.54
N LYS C 132 -50.90 -11.01 -19.59
CA LYS C 132 -52.08 -10.44 -20.18
C LYS C 132 -53.24 -10.36 -19.15
N GLN C 133 -53.45 -11.38 -18.30
CA GLN C 133 -54.56 -11.32 -17.35
C GLN C 133 -54.37 -10.22 -16.28
N VAL C 134 -53.14 -10.03 -15.83
CA VAL C 134 -52.85 -8.97 -14.90
C VAL C 134 -53.05 -7.59 -15.57
N ILE C 135 -52.73 -7.45 -16.84
CA ILE C 135 -53.03 -6.19 -17.55
C ILE C 135 -54.60 -5.97 -17.58
N ARG C 136 -55.33 -6.98 -18.05
CA ARG C 136 -56.78 -6.90 -18.24
C ARG C 136 -57.47 -6.50 -16.96
N GLU C 137 -57.08 -7.14 -15.89
CA GLU C 137 -57.72 -7.00 -14.66
C GLU C 137 -57.48 -5.64 -13.98
N ASN C 138 -56.37 -5.00 -14.31
CA ASN C 138 -55.88 -3.88 -13.53
C ASN C 138 -55.56 -2.57 -14.26
N ILE C 139 -55.52 -2.53 -15.58
CA ILE C 139 -54.96 -1.32 -16.25
C ILE C 139 -55.80 -0.06 -16.03
N LEU C 140 -57.13 -0.20 -16.03
CA LEU C 140 -57.97 0.96 -15.82
C LEU C 140 -57.72 1.58 -14.45
N GLN C 141 -57.69 0.74 -13.44
CA GLN C 141 -57.40 1.24 -12.07
C GLN C 141 -56.02 1.83 -11.95
N LEU C 142 -55.05 1.18 -12.57
CA LEU C 142 -53.66 1.71 -12.50
C LEU C 142 -53.55 3.08 -13.18
N SER C 143 -54.25 3.25 -14.31
CA SER C 143 -54.34 4.57 -14.94
C SER C 143 -54.86 5.65 -13.96
N ASN C 144 -55.89 5.35 -13.21
CA ASN C 144 -56.36 6.29 -12.18
C ASN C 144 -55.34 6.57 -11.09
N ASP C 145 -54.58 5.55 -10.68
CA ASP C 145 -53.67 5.67 -9.57
C ASP C 145 -52.48 6.53 -9.99
N ILE C 146 -52.05 6.37 -11.25
CA ILE C 146 -50.96 7.14 -11.80
C ILE C 146 -51.37 8.60 -11.99
N ARG C 147 -52.62 8.85 -12.42
CA ARG C 147 -53.10 10.22 -12.52
C ARG C 147 -53.06 10.90 -11.18
N GLU C 148 -53.58 10.21 -10.16
CA GLU C 148 -53.70 10.74 -8.80
C GLU C 148 -52.32 11.03 -8.21
N ARG C 149 -51.37 10.14 -8.41
CA ARG C 149 -50.03 10.30 -7.85
C ARG C 149 -49.18 11.34 -8.55
N TYR C 150 -49.22 11.39 -9.87
CA TYR C 150 -48.28 12.22 -10.63
C TYR C 150 -48.84 13.48 -11.30
N LEU C 151 -50.17 13.67 -11.38
CA LEU C 151 -50.71 14.82 -12.14
C LEU C 151 -51.53 15.79 -11.24
N VAL D 2 7.71 -14.60 9.03
CA VAL D 2 8.93 -14.52 8.17
C VAL D 2 8.53 -14.91 6.76
N LEU D 3 8.59 -16.19 6.45
CA LEU D 3 7.80 -16.72 5.36
C LEU D 3 6.81 -17.83 5.75
N GLY D 4 5.52 -17.56 5.53
CA GLY D 4 4.44 -18.56 5.56
C GLY D 4 3.46 -18.59 6.74
N TYR D 5 3.44 -17.56 7.63
CA TYR D 5 2.27 -17.38 8.56
C TYR D 5 1.25 -16.24 8.18
N VAL D 6 0.03 -16.66 7.85
CA VAL D 6 -1.01 -15.71 7.45
C VAL D 6 -1.43 -14.81 8.60
N SER D 7 -1.55 -15.38 9.80
CA SER D 7 -2.10 -14.65 10.95
C SER D 7 -1.22 -14.85 12.17
N ASP D 8 -1.80 -14.74 13.38
CA ASP D 8 -1.05 -14.87 14.57
C ASP D 8 -0.81 -16.38 14.92
N MET D 9 -0.08 -16.63 15.98
CA MET D 9 0.28 -18.02 16.34
C MET D 9 -0.81 -18.78 17.06
N HIS D 10 -1.79 -18.10 17.65
CA HIS D 10 -2.96 -18.74 18.18
C HIS D 10 -3.76 -19.41 17.07
N THR D 11 -4.03 -18.65 16.02
CA THR D 11 -4.66 -19.20 14.83
C THR D 11 -3.83 -20.27 14.20
N GLU D 12 -2.52 -20.07 14.10
CA GLU D 12 -1.67 -21.05 13.44
C GLU D 12 -1.71 -22.37 14.19
N LEU D 13 -1.61 -22.33 15.50
CA LEU D 13 -1.55 -23.56 16.25
C LEU D 13 -2.83 -24.28 16.21
N ALA D 14 -3.93 -23.55 16.34
CA ALA D 14 -5.23 -24.14 16.27
C ALA D 14 -5.49 -24.79 14.89
N SER D 15 -5.14 -24.10 13.83
CA SER D 15 -5.35 -24.66 12.47
C SER D 15 -4.48 -25.85 12.17
N ILE D 16 -3.21 -25.78 12.50
CA ILE D 16 -2.31 -26.88 12.12
C ILE D 16 -2.63 -28.11 12.95
N SER D 17 -3.03 -27.93 14.21
N SER D 17 -3.01 -27.93 14.22
CA SER D 17 -3.37 -29.06 15.07
CA SER D 17 -3.34 -29.06 15.08
C SER D 17 -4.59 -29.77 14.56
C SER D 17 -4.59 -29.75 14.56
N GLN D 18 -5.55 -28.99 14.05
CA GLN D 18 -6.73 -29.56 13.36
C GLN D 18 -6.35 -30.32 12.09
N LEU D 19 -5.40 -29.79 11.32
CA LEU D 19 -4.94 -30.50 10.14
C LEU D 19 -4.27 -31.82 10.51
N VAL D 20 -3.51 -31.83 11.60
CA VAL D 20 -2.83 -33.05 12.00
C VAL D 20 -3.83 -34.12 12.33
N ILE D 21 -4.83 -33.78 13.14
CA ILE D 21 -5.88 -34.70 13.53
C ILE D 21 -6.57 -35.27 12.29
N ALA D 22 -6.85 -34.40 11.33
CA ALA D 22 -7.55 -34.82 10.11
C ALA D 22 -6.73 -35.79 9.23
N LYS D 23 -5.43 -35.63 9.21
CA LYS D 23 -4.59 -36.28 8.23
C LYS D 23 -3.58 -37.29 8.76
N ILE D 24 -3.34 -37.34 10.08
CA ILE D 24 -2.25 -38.17 10.61
C ILE D 24 -2.41 -39.67 10.30
N GLU D 25 -3.63 -40.18 10.34
CA GLU D 25 -3.82 -41.58 10.06
C GLU D 25 -3.40 -41.95 8.63
N THR D 26 -3.49 -41.00 7.70
CA THR D 26 -3.25 -41.28 6.28
C THR D 26 -1.74 -41.33 5.95
N ILE D 27 -0.88 -40.91 6.85
CA ILE D 27 0.55 -40.88 6.56
C ILE D 27 1.13 -42.21 6.99
N ASP D 28 1.82 -42.94 6.09
CA ASP D 28 2.48 -44.20 6.41
C ASP D 28 3.49 -43.96 7.53
N ASN D 29 3.51 -44.87 8.51
CA ASN D 29 4.32 -44.69 9.69
C ASN D 29 5.78 -44.61 9.37
N ASP D 30 6.24 -45.35 8.36
CA ASP D 30 7.66 -45.32 8.01
C ASP D 30 8.01 -43.98 7.38
N ILE D 31 7.06 -43.41 6.63
CA ILE D 31 7.25 -42.05 6.08
C ILE D 31 7.20 -40.98 7.19
N LEU D 32 6.27 -41.10 8.13
CA LEU D 32 6.25 -40.18 9.25
C LEU D 32 7.58 -40.15 9.99
N ASN D 33 8.11 -41.32 10.30
CA ASN D 33 9.37 -41.43 11.02
C ASN D 33 10.54 -40.86 10.28
N LYS D 34 10.59 -41.09 8.98
N LYS D 34 10.59 -41.09 8.99
CA LYS D 34 11.60 -40.46 8.11
CA LYS D 34 11.61 -40.44 8.17
C LYS D 34 11.51 -38.93 8.17
C LYS D 34 11.51 -38.93 8.21
N ASP D 35 10.30 -38.40 8.12
CA ASP D 35 10.05 -36.95 8.22
C ASP D 35 10.48 -36.38 9.58
N ILE D 36 10.24 -37.11 10.69
CA ILE D 36 10.71 -36.71 12.01
C ILE D 36 12.26 -36.66 12.05
N VAL D 37 12.94 -37.70 11.53
CA VAL D 37 14.39 -37.72 11.43
C VAL D 37 14.87 -36.46 10.65
N ASN D 38 14.27 -36.24 9.50
CA ASN D 38 14.68 -35.09 8.67
C ASN D 38 14.47 -33.77 9.38
N PHE D 39 13.36 -33.61 10.12
CA PHE D 39 13.16 -32.35 10.90
C PHE D 39 14.32 -32.18 11.92
N ILE D 40 14.65 -33.27 12.62
CA ILE D 40 15.75 -33.26 13.59
C ILE D 40 17.09 -32.83 12.94
N MET D 41 17.32 -33.26 11.70
CA MET D 41 18.56 -32.97 10.95
C MET D 41 18.49 -31.71 10.09
N CYS D 42 17.48 -30.89 10.33
CA CYS D 42 17.31 -29.60 9.67
C CYS D 42 17.09 -29.79 8.16
N ARG D 43 16.23 -30.74 7.79
CA ARG D 43 15.75 -30.89 6.41
C ARG D 43 14.24 -31.10 6.40
N SER D 44 13.48 -30.21 7.05
CA SER D 44 12.04 -30.32 7.16
C SER D 44 11.28 -30.54 5.84
N ASN D 45 10.25 -31.38 5.89
CA ASN D 45 9.22 -31.43 4.88
C ASN D 45 7.93 -30.84 5.46
N LEU D 46 7.71 -29.55 5.18
CA LEU D 46 6.56 -28.81 5.76
C LEU D 46 5.21 -29.24 5.21
N ASP D 47 5.24 -30.01 4.14
CA ASP D 47 4.04 -30.66 3.65
C ASP D 47 3.46 -31.75 4.56
N ASN D 48 4.26 -32.27 5.48
CA ASN D 48 3.72 -33.14 6.51
C ASN D 48 3.19 -32.26 7.64
N PRO D 49 1.86 -32.28 7.95
CA PRO D 49 1.32 -31.36 8.95
C PRO D 49 1.91 -31.51 10.31
N PHE D 50 2.29 -32.73 10.72
CA PHE D 50 2.97 -32.86 12.00
C PHE D 50 4.33 -32.12 12.00
N ILE D 51 5.06 -32.18 10.88
CA ILE D 51 6.33 -31.48 10.82
C ILE D 51 6.11 -29.93 10.79
N SER D 52 5.08 -29.46 10.07
CA SER D 52 4.71 -28.05 10.17
C SER D 52 4.36 -27.64 11.62
N PHE D 53 3.65 -28.50 12.35
CA PHE D 53 3.40 -28.27 13.78
C PHE D 53 4.71 -28.14 14.54
N LEU D 54 5.62 -29.07 14.35
CA LEU D 54 6.91 -29.07 15.08
C LEU D 54 7.74 -27.79 14.77
N ASP D 55 7.76 -27.42 13.51
CA ASP D 55 8.42 -26.19 13.08
C ASP D 55 7.80 -24.97 13.71
N THR D 56 6.46 -24.92 13.75
CA THR D 56 5.75 -23.82 14.43
C THR D 56 6.11 -23.75 15.89
N VAL D 57 6.10 -24.89 16.57
CA VAL D 57 6.40 -24.92 17.98
C VAL D 57 7.85 -24.46 18.23
N TYR D 58 8.76 -24.99 17.44
CA TYR D 58 10.17 -24.66 17.56
C TYR D 58 10.34 -23.11 17.45
N THR D 59 9.63 -22.51 16.48
CA THR D 59 9.67 -21.08 16.23
C THR D 59 9.10 -20.27 17.39
N ILE D 60 7.98 -20.72 17.92
CA ILE D 60 7.34 -20.07 19.07
C ILE D 60 8.24 -20.07 20.28
N ILE D 61 8.88 -21.20 20.57
CA ILE D 61 9.71 -21.35 21.74
C ILE D 61 10.87 -20.42 21.65
N ASP D 62 11.48 -20.36 20.48
CA ASP D 62 12.46 -19.37 20.14
C ASP D 62 13.68 -19.38 21.07
N GLN D 63 14.19 -20.55 21.39
N GLN D 63 14.20 -20.55 21.38
CA GLN D 63 15.33 -20.67 22.31
CA GLN D 63 15.34 -20.66 22.30
C GLN D 63 16.58 -21.24 21.64
C GLN D 63 16.58 -21.24 21.64
N GLU D 64 16.65 -21.17 20.31
CA GLU D 64 17.78 -21.84 19.62
C GLU D 64 19.17 -21.37 20.13
N ASN D 65 19.40 -20.07 20.21
CA ASN D 65 20.72 -19.56 20.62
C ASN D 65 21.09 -19.96 22.06
N TYR D 66 20.14 -19.79 22.98
CA TYR D 66 20.36 -20.23 24.39
C TYR D 66 20.69 -21.70 24.48
N GLN D 67 19.92 -22.54 23.82
CA GLN D 67 20.08 -23.98 23.97
C GLN D 67 21.37 -24.45 23.32
N THR D 68 21.79 -23.79 22.25
CA THR D 68 23.08 -24.01 21.59
C THR D 68 24.25 -23.76 22.53
N GLU D 69 24.22 -22.63 23.23
CA GLU D 69 25.24 -22.30 24.22
C GLU D 69 25.19 -23.37 25.34
N LEU D 70 23.99 -23.71 25.81
CA LEU D 70 23.86 -24.68 26.86
C LEU D 70 24.42 -26.06 26.42
N ILE D 71 24.02 -26.53 25.25
CA ILE D 71 24.52 -27.77 24.70
C ILE D 71 26.04 -27.79 24.49
N ASN D 72 26.61 -26.65 24.07
CA ASN D 72 28.06 -26.52 23.99
C ASN D 72 28.78 -26.73 25.28
N SER D 73 28.14 -26.41 26.40
CA SER D 73 28.75 -26.54 27.71
C SER D 73 28.71 -28.00 28.17
N LEU D 74 28.00 -28.86 27.47
CA LEU D 74 27.86 -30.24 27.93
C LEU D 74 29.02 -31.12 27.45
N ASP D 75 29.36 -32.12 28.24
CA ASP D 75 30.30 -33.14 27.77
C ASP D 75 29.60 -34.34 27.16
N ASP D 76 30.38 -35.28 26.63
CA ASP D 76 29.74 -36.43 25.94
C ASP D 76 28.85 -37.28 26.83
N ASN D 77 29.25 -37.44 28.09
CA ASN D 77 28.46 -38.20 29.06
C ASN D 77 27.09 -37.57 29.36
N GLU D 78 27.09 -36.26 29.54
CA GLU D 78 25.81 -35.48 29.64
C GLU D 78 24.93 -35.54 28.40
N ILE D 79 25.53 -35.51 27.21
CA ILE D 79 24.76 -35.66 25.97
C ILE D 79 24.14 -37.05 25.86
N ILE D 80 24.91 -38.07 26.19
CA ILE D 80 24.39 -39.45 26.16
C ILE D 80 23.24 -39.58 27.11
N ASP D 81 23.41 -39.03 28.31
N ASP D 81 23.41 -39.03 28.30
CA ASP D 81 22.32 -38.99 29.33
CA ASP D 81 22.32 -39.03 29.26
C ASP D 81 21.06 -38.33 28.76
C ASP D 81 21.07 -38.34 28.70
N CYS D 82 21.24 -37.17 28.11
N CYS D 82 21.24 -37.17 28.07
CA CYS D 82 20.15 -36.42 27.46
CA CYS D 82 20.11 -36.47 27.49
C CYS D 82 19.41 -37.29 26.44
C CYS D 82 19.40 -37.30 26.43
N ILE D 83 20.19 -37.87 25.52
CA ILE D 83 19.62 -38.67 24.44
C ILE D 83 18.81 -39.86 24.97
N VAL D 84 19.42 -40.60 25.87
CA VAL D 84 18.71 -41.75 26.44
C VAL D 84 17.46 -41.33 27.20
N ASN D 85 17.56 -40.28 28.04
N ASN D 85 17.56 -40.28 28.02
CA ASN D 85 16.41 -39.78 28.81
CA ASN D 85 16.41 -39.77 28.79
C ASN D 85 15.27 -39.33 27.90
C ASN D 85 15.27 -39.33 27.90
N LYS D 86 15.57 -38.53 26.89
CA LYS D 86 14.48 -38.01 26.06
C LYS D 86 13.84 -39.16 25.19
N PHE D 87 14.65 -40.09 24.74
CA PHE D 87 14.21 -41.13 23.80
C PHE D 87 13.08 -41.93 24.33
N MET D 88 13.10 -42.19 25.61
CA MET D 88 12.07 -43.04 26.17
C MET D 88 10.67 -42.47 26.00
N SER D 89 10.53 -41.15 25.80
N SER D 89 10.54 -41.16 25.80
CA SER D 89 9.22 -40.52 25.56
CA SER D 89 9.22 -40.55 25.58
C SER D 89 8.54 -41.13 24.35
C SER D 89 8.53 -41.13 24.35
N PHE D 90 9.32 -41.57 23.37
CA PHE D 90 8.74 -42.12 22.14
C PHE D 90 8.04 -43.43 22.35
N TYR D 91 8.29 -44.09 23.48
CA TYR D 91 7.62 -45.31 23.79
C TYR D 91 6.41 -45.14 24.74
N LYS D 92 6.17 -43.93 25.20
CA LYS D 92 5.14 -43.63 26.21
C LYS D 92 3.98 -42.86 25.55
N ASP D 93 2.95 -42.51 26.31
CA ASP D 93 1.74 -41.94 25.81
C ASP D 93 1.59 -40.44 26.08
N ASN D 94 2.69 -39.72 26.33
CA ASN D 94 2.66 -38.29 26.60
C ASN D 94 3.26 -37.52 25.39
N LEU D 95 2.40 -36.86 24.65
CA LEU D 95 2.84 -36.11 23.45
C LEU D 95 3.70 -34.91 23.75
N GLU D 96 3.44 -34.17 24.83
CA GLU D 96 4.33 -33.07 25.20
C GLU D 96 5.76 -33.52 25.36
N ASN D 97 5.94 -34.68 25.98
CA ASN D 97 7.29 -35.19 26.16
C ASN D 97 7.95 -35.65 24.87
N ILE D 98 7.15 -36.21 23.94
CA ILE D 98 7.63 -36.55 22.60
C ILE D 98 8.05 -35.35 21.81
N VAL D 99 7.28 -34.29 21.87
CA VAL D 99 7.64 -33.03 21.18
C VAL D 99 8.89 -32.42 21.75
N ASP D 100 8.96 -32.40 23.08
CA ASP D 100 10.18 -31.90 23.77
C ASP D 100 11.38 -32.75 23.35
N ALA D 101 11.23 -34.09 23.24
CA ALA D 101 12.31 -34.97 22.83
C ALA D 101 12.77 -34.63 21.45
N ILE D 102 11.83 -34.45 20.50
CA ILE D 102 12.18 -34.17 19.13
C ILE D 102 12.90 -32.85 19.00
N ILE D 103 12.40 -31.84 19.69
CA ILE D 103 13.01 -30.48 19.59
C ILE D 103 14.39 -30.52 20.26
N THR D 104 14.54 -31.25 21.37
CA THR D 104 15.85 -31.36 22.08
C THR D 104 16.87 -32.03 21.18
N LEU D 105 16.44 -33.10 20.48
CA LEU D 105 17.31 -33.79 19.53
C LEU D 105 17.75 -32.84 18.40
N LYS D 106 16.82 -31.99 17.90
CA LYS D 106 17.18 -30.99 16.88
C LYS D 106 18.23 -30.03 17.43
N TYR D 107 18.08 -29.53 18.65
CA TYR D 107 19.12 -28.67 19.25
C TYR D 107 20.49 -29.39 19.33
N ILE D 108 20.49 -30.66 19.68
CA ILE D 108 21.74 -31.44 19.78
C ILE D 108 22.38 -31.62 18.42
N MET D 109 21.58 -31.91 17.41
CA MET D 109 22.09 -32.06 16.05
C MET D 109 22.54 -30.73 15.42
N ASN D 110 22.14 -29.60 15.99
CA ASN D 110 22.62 -28.28 15.56
C ASN D 110 24.12 -28.11 15.94
N ASN D 111 24.69 -29.01 16.77
CA ASN D 111 26.12 -29.03 17.17
C ASN D 111 26.87 -30.01 16.26
N PRO D 112 27.75 -29.52 15.38
CA PRO D 112 28.37 -30.42 14.38
C PRO D 112 29.18 -31.61 14.92
N ASP D 113 29.82 -31.45 16.07
CA ASP D 113 30.48 -32.58 16.74
C ASP D 113 29.46 -33.66 17.15
N PHE D 114 28.35 -33.23 17.80
CA PHE D 114 27.37 -34.21 18.30
C PHE D 114 26.61 -34.83 17.12
N LYS D 115 26.43 -34.09 16.03
CA LYS D 115 25.74 -34.64 14.87
C LYS D 115 26.56 -35.71 14.25
N THR D 116 27.86 -35.48 14.15
CA THR D 116 28.75 -36.51 13.64
C THR D 116 28.74 -37.78 14.47
N THR D 117 28.80 -37.62 15.79
CA THR D 117 28.79 -38.78 16.69
C THR D 117 27.46 -39.56 16.74
N TYR D 118 26.33 -38.85 16.77
CA TYR D 118 25.06 -39.49 17.16
C TYR D 118 23.99 -39.55 16.08
N ALA D 119 24.20 -38.92 14.92
CA ALA D 119 23.09 -38.86 13.94
C ALA D 119 22.61 -40.23 13.45
N GLU D 120 23.54 -41.15 13.18
CA GLU D 120 23.17 -42.45 12.67
C GLU D 120 22.31 -43.25 13.68
N VAL D 121 22.73 -43.27 14.93
CA VAL D 121 21.96 -44.01 15.90
C VAL D 121 20.56 -43.40 16.10
N LEU D 122 20.46 -42.09 16.11
CA LEU D 122 19.13 -41.46 16.22
C LEU D 122 18.24 -41.85 15.08
N GLY D 123 18.77 -41.87 13.87
CA GLY D 123 18.00 -42.21 12.71
C GLY D 123 17.52 -43.64 12.78
N SER D 124 18.43 -44.52 13.15
CA SER D 124 18.15 -45.93 13.33
C SER D 124 17.02 -46.17 14.34
N ARG D 125 17.12 -45.53 15.49
CA ARG D 125 16.15 -45.80 16.58
C ARG D 125 14.77 -45.15 16.30
N ILE D 126 14.76 -43.95 15.71
CA ILE D 126 13.49 -43.31 15.41
C ILE D 126 12.71 -44.18 14.43
N ALA D 127 13.40 -44.89 13.54
CA ALA D 127 12.69 -45.73 12.57
C ALA D 127 11.80 -46.78 13.24
N ASP D 128 12.08 -47.16 14.50
CA ASP D 128 11.27 -48.19 15.16
C ASP D 128 10.08 -47.67 15.97
N ILE D 129 9.88 -46.34 16.03
CA ILE D 129 8.80 -45.79 16.88
C ILE D 129 7.45 -45.89 16.19
N ASP D 130 6.40 -45.71 16.96
CA ASP D 130 5.04 -45.74 16.44
C ASP D 130 4.12 -44.82 17.23
N ILE D 131 4.08 -43.56 16.85
CA ILE D 131 3.50 -42.52 17.68
C ILE D 131 2.26 -41.88 17.01
N LYS D 132 1.78 -42.46 15.93
CA LYS D 132 0.58 -41.91 15.29
C LYS D 132 -0.64 -41.65 16.16
N GLN D 133 -0.98 -42.63 16.97
CA GLN D 133 -2.13 -42.49 17.86
C GLN D 133 -1.90 -41.49 18.94
N VAL D 134 -0.69 -41.46 19.50
CA VAL D 134 -0.39 -40.51 20.57
C VAL D 134 -0.51 -39.08 20.02
N ILE D 135 -0.07 -38.89 18.78
CA ILE D 135 -0.18 -37.57 18.16
C ILE D 135 -1.65 -37.20 18.03
N ARG D 136 -2.43 -38.07 17.40
CA ARG D 136 -3.83 -37.76 17.17
C ARG D 136 -4.57 -37.40 18.46
N GLU D 137 -4.39 -38.25 19.46
CA GLU D 137 -5.19 -38.12 20.66
C GLU D 137 -4.89 -36.93 21.53
N ASN D 138 -3.68 -36.38 21.39
CA ASN D 138 -3.17 -35.41 22.34
C ASN D 138 -2.78 -34.07 21.72
N ILE D 139 -2.80 -33.98 20.40
CA ILE D 139 -2.27 -32.78 19.78
C ILE D 139 -3.11 -31.53 20.14
N LEU D 140 -4.44 -31.65 20.18
CA LEU D 140 -5.25 -30.48 20.47
C LEU D 140 -4.92 -29.90 21.83
N GLN D 141 -4.85 -30.76 22.83
CA GLN D 141 -4.53 -30.33 24.17
C GLN D 141 -3.16 -29.74 24.26
N LEU D 142 -2.20 -30.38 23.61
CA LEU D 142 -0.87 -29.81 23.58
C LEU D 142 -0.85 -28.42 22.92
N SER D 143 -1.58 -28.26 21.84
N SER D 143 -1.57 -28.25 21.83
CA SER D 143 -1.71 -26.95 21.15
CA SER D 143 -1.68 -26.91 21.18
C SER D 143 -2.23 -25.89 22.12
C SER D 143 -2.21 -25.86 22.14
N ASN D 144 -3.25 -26.19 22.91
CA ASN D 144 -3.70 -25.24 23.94
C ASN D 144 -2.67 -24.97 25.03
N ASP D 145 -1.91 -25.96 25.45
CA ASP D 145 -0.92 -25.80 26.50
C ASP D 145 0.22 -24.92 26.04
N ILE D 146 0.63 -25.09 24.80
CA ILE D 146 1.64 -24.30 24.21
C ILE D 146 1.20 -22.84 24.03
N ARG D 147 -0.02 -22.63 23.61
CA ARG D 147 -0.56 -21.28 23.51
C ARG D 147 -0.54 -20.57 24.84
N GLU D 148 -0.99 -21.28 25.88
CA GLU D 148 -1.06 -20.73 27.23
C GLU D 148 0.33 -20.39 27.78
N ARG D 149 1.29 -21.26 27.57
CA ARG D 149 2.62 -21.08 28.11
C ARG D 149 3.47 -20.06 27.38
N TYR D 150 3.43 -20.04 26.07
CA TYR D 150 4.35 -19.26 25.26
C TYR D 150 3.76 -18.07 24.54
N LEU D 151 2.45 -17.94 24.49
CA LEU D 151 1.83 -16.81 23.81
C LEU D 151 0.98 -15.92 24.72
N GLY D 152 0.54 -14.78 24.19
CA GLY D 152 -0.32 -13.79 24.90
C GLY D 152 -1.80 -13.84 24.50
N VAL E 2 -2.35 12.33 -0.39
CA VAL E 2 -1.86 13.75 -0.50
C VAL E 2 -1.80 14.41 0.89
N LEU E 3 -0.69 15.11 1.15
CA LEU E 3 -0.47 15.90 2.41
C LEU E 3 -1.68 16.77 2.74
N GLY E 4 -2.22 16.61 3.93
CA GLY E 4 -3.30 17.46 4.43
C GLY E 4 -4.67 17.00 4.00
N TYR E 5 -4.75 15.86 3.31
CA TYR E 5 -6.08 15.40 2.83
C TYR E 5 -6.21 14.00 3.38
N VAL E 6 -7.32 13.79 4.08
CA VAL E 6 -7.58 12.50 4.64
C VAL E 6 -7.77 11.42 3.57
N SER E 7 -8.43 11.74 2.47
CA SER E 7 -8.79 10.75 1.47
C SER E 7 -8.46 11.27 0.10
N ASP E 8 -9.20 10.85 -0.91
CA ASP E 8 -8.88 11.32 -2.25
C ASP E 8 -9.47 12.72 -2.53
N MET E 9 -9.20 13.26 -3.72
CA MET E 9 -9.71 14.57 -4.06
C MET E 9 -11.18 14.59 -4.53
N HIS E 10 -11.73 13.44 -4.92
CA HIS E 10 -13.15 13.37 -5.19
C HIS E 10 -13.89 13.61 -3.89
N THR E 11 -13.52 12.88 -2.83
CA THR E 11 -14.10 13.07 -1.50
C THR E 11 -13.89 14.45 -0.99
N GLU E 12 -12.68 14.98 -1.18
CA GLU E 12 -12.37 16.35 -0.67
C GLU E 12 -13.25 17.39 -1.37
N LEU E 13 -13.34 17.34 -2.67
CA LEU E 13 -14.12 18.33 -3.39
C LEU E 13 -15.60 18.27 -3.04
N ALA E 14 -16.14 17.07 -3.00
CA ALA E 14 -17.53 16.87 -2.72
C ALA E 14 -17.80 17.40 -1.33
N SER E 15 -16.95 17.08 -0.35
N SER E 15 -16.94 17.08 -0.34
CA SER E 15 -17.14 17.52 1.02
CA SER E 15 -17.13 17.54 1.04
C SER E 15 -17.06 19.04 1.19
C SER E 15 -17.05 19.03 1.20
N ILE E 16 -16.07 19.65 0.59
CA ILE E 16 -15.91 21.10 0.77
C ILE E 16 -16.97 21.90 -0.02
N SER E 17 -17.35 21.42 -1.19
CA SER E 17 -18.40 22.12 -1.99
C SER E 17 -19.75 22.06 -1.28
N GLN E 18 -20.05 20.92 -0.64
CA GLN E 18 -21.22 20.78 0.20
C GLN E 18 -21.16 21.77 1.40
N LEU E 19 -19.98 21.96 2.00
CA LEU E 19 -19.87 22.89 3.07
C LEU E 19 -20.10 24.31 2.61
N VAL E 20 -19.55 24.63 1.43
CA VAL E 20 -19.71 26.01 0.90
C VAL E 20 -21.19 26.36 0.76
N ILE E 21 -21.94 25.46 0.12
N ILE E 21 -21.95 25.45 0.14
CA ILE E 21 -23.39 25.67 -0.02
CA ILE E 21 -23.41 25.60 0.02
C ILE E 21 -24.09 25.80 1.31
C ILE E 21 -24.07 25.82 1.34
N ALA E 22 -23.68 25.01 2.30
CA ALA E 22 -24.32 25.06 3.63
C ALA E 22 -24.04 26.39 4.36
N LYS E 23 -22.86 27.01 4.08
CA LYS E 23 -22.38 28.13 4.90
C LYS E 23 -22.34 29.46 4.21
N ILE E 24 -22.38 29.50 2.89
CA ILE E 24 -22.00 30.75 2.17
C ILE E 24 -22.88 31.93 2.43
N GLU E 25 -24.18 31.68 2.58
CA GLU E 25 -25.09 32.74 2.96
C GLU E 25 -24.84 33.32 4.36
N THR E 26 -24.19 32.59 5.26
CA THR E 26 -23.86 33.11 6.58
C THR E 26 -22.59 34.00 6.65
N ILE E 27 -21.77 34.05 5.60
CA ILE E 27 -20.52 34.78 5.64
C ILE E 27 -20.77 36.16 5.11
N ASP E 28 -20.43 37.20 5.86
CA ASP E 28 -20.63 38.58 5.43
C ASP E 28 -19.82 38.81 4.17
N ASN E 29 -20.40 39.55 3.23
CA ASN E 29 -19.70 39.79 1.97
C ASN E 29 -18.33 40.48 2.11
N ASP E 30 -18.19 41.41 3.04
CA ASP E 30 -16.96 42.12 3.18
C ASP E 30 -15.92 41.21 3.76
N ILE E 31 -16.32 40.33 4.64
CA ILE E 31 -15.39 39.34 5.18
C ILE E 31 -14.95 38.32 4.09
N LEU E 32 -15.91 37.87 3.27
CA LEU E 32 -15.57 36.99 2.16
C LEU E 32 -14.52 37.62 1.26
N ASN E 33 -14.69 38.89 0.92
CA ASN E 33 -13.75 39.55 0.04
C ASN E 33 -12.38 39.77 0.65
N LYS E 34 -12.34 40.12 1.92
CA LYS E 34 -11.05 40.11 2.68
C LYS E 34 -10.33 38.78 2.65
N ASP E 35 -11.07 37.71 2.85
CA ASP E 35 -10.54 36.32 2.76
C ASP E 35 -10.01 35.99 1.35
N ILE E 36 -10.74 36.42 0.32
CA ILE E 36 -10.27 36.26 -1.03
C ILE E 36 -8.92 36.99 -1.28
N VAL E 37 -8.82 38.26 -0.84
CA VAL E 37 -7.58 39.02 -1.00
C VAL E 37 -6.43 38.31 -0.32
N ASN E 38 -6.69 37.84 0.89
CA ASN E 38 -5.65 37.11 1.61
C ASN E 38 -5.21 35.82 0.94
N PHE E 39 -6.15 35.06 0.39
CA PHE E 39 -5.78 33.89 -0.41
C PHE E 39 -4.84 34.27 -1.58
N ILE E 40 -5.19 35.34 -2.29
CA ILE E 40 -4.40 35.81 -3.44
C ILE E 40 -2.96 36.17 -3.01
N MET E 41 -2.84 36.75 -1.83
CA MET E 41 -1.54 37.16 -1.25
C MET E 41 -0.83 36.08 -0.43
N CYS E 42 -1.29 34.83 -0.55
N CYS E 42 -1.30 34.83 -0.52
CA CYS E 42 -0.68 33.67 0.13
CA CYS E 42 -0.72 33.69 0.16
C CYS E 42 -0.79 33.79 1.66
C CYS E 42 -0.81 33.80 1.67
N ARG E 43 -1.96 34.20 2.15
CA ARG E 43 -2.25 34.19 3.61
C ARG E 43 -3.65 33.59 3.84
N SER E 44 -3.90 32.41 3.30
CA SER E 44 -5.22 31.74 3.38
C SER E 44 -5.83 31.60 4.77
N ASN E 45 -7.15 31.78 4.84
CA ASN E 45 -7.89 31.40 6.03
C ASN E 45 -8.74 30.19 5.64
N LEU E 46 -8.22 28.98 5.93
CA LEU E 46 -8.85 27.73 5.54
C LEU E 46 -10.13 27.44 6.35
N ASP E 47 -10.38 28.21 7.38
CA ASP E 47 -11.65 28.18 8.05
C ASP E 47 -12.83 28.73 7.23
N ASN E 48 -12.56 29.53 6.20
CA ASN E 48 -13.65 29.94 5.31
C ASN E 48 -13.75 28.82 4.27
N PRO E 49 -14.89 28.14 4.20
CA PRO E 49 -14.98 26.99 3.28
C PRO E 49 -14.76 27.33 1.82
N PHE E 50 -15.14 28.54 1.38
CA PHE E 50 -14.83 28.89 0.00
C PHE E 50 -13.31 28.98 -0.25
N ILE E 51 -12.59 29.52 0.72
CA ILE E 51 -11.13 29.59 0.60
C ILE E 51 -10.52 28.15 0.59
N SER E 52 -11.01 27.28 1.44
CA SER E 52 -10.54 25.89 1.42
C SER E 52 -10.81 25.26 0.06
N PHE E 53 -11.96 25.58 -0.53
CA PHE E 53 -12.28 25.12 -1.89
C PHE E 53 -11.23 25.64 -2.90
N LEU E 54 -10.92 26.93 -2.85
CA LEU E 54 -9.93 27.53 -3.77
C LEU E 54 -8.55 26.90 -3.57
N ASP E 55 -8.15 26.70 -2.32
CA ASP E 55 -6.85 26.04 -2.03
C ASP E 55 -6.80 24.60 -2.61
N THR E 56 -7.90 23.86 -2.44
CA THR E 56 -7.99 22.53 -3.01
C THR E 56 -7.97 22.51 -4.53
N VAL E 57 -8.71 23.40 -5.19
CA VAL E 57 -8.69 23.50 -6.66
C VAL E 57 -7.28 23.88 -7.15
N TYR E 58 -6.66 24.87 -6.49
CA TYR E 58 -5.31 25.24 -6.82
C TYR E 58 -4.36 24.02 -6.81
N THR E 59 -4.45 23.23 -5.75
CA THR E 59 -3.65 22.07 -5.60
C THR E 59 -3.89 21.00 -6.65
N ILE E 60 -5.15 20.75 -6.95
CA ILE E 60 -5.54 19.78 -8.01
C ILE E 60 -5.05 20.16 -9.38
N ILE E 61 -5.20 21.42 -9.75
CA ILE E 61 -4.69 21.92 -11.01
C ILE E 61 -3.21 21.77 -11.15
N ASP E 62 -2.48 22.08 -10.08
CA ASP E 62 -1.07 21.76 -9.99
C ASP E 62 -0.25 22.33 -11.10
N GLN E 63 -0.46 23.60 -11.42
CA GLN E 63 0.32 24.24 -12.51
C GLN E 63 1.17 25.39 -12.02
N GLU E 64 1.47 25.43 -10.70
CA GLU E 64 2.15 26.60 -10.16
C GLU E 64 3.50 26.88 -10.91
N ASN E 65 4.35 25.88 -11.07
CA ASN E 65 5.69 26.11 -11.66
C ASN E 65 5.60 26.58 -13.13
N TYR E 66 4.71 25.94 -13.90
CA TYR E 66 4.50 26.33 -15.30
C TYR E 66 3.97 27.73 -15.40
N GLN E 67 2.95 28.07 -14.62
CA GLN E 67 2.33 29.42 -14.69
C GLN E 67 3.26 30.53 -14.18
N THR E 68 4.12 30.20 -13.24
CA THR E 68 5.20 31.08 -12.78
C THR E 68 6.18 31.45 -13.86
N GLU E 69 6.66 30.44 -14.56
CA GLU E 69 7.52 30.71 -15.66
C GLU E 69 6.77 31.55 -16.69
N LEU E 70 5.52 31.17 -16.99
CA LEU E 70 4.81 31.87 -18.04
C LEU E 70 4.69 33.33 -17.64
N ILE E 71 4.26 33.57 -16.40
CA ILE E 71 4.10 34.93 -15.88
C ILE E 71 5.40 35.72 -15.86
N ASN E 72 6.52 35.07 -15.55
CA ASN E 72 7.84 35.69 -15.73
C ASN E 72 8.17 36.20 -17.10
N SER E 73 7.64 35.55 -18.12
CA SER E 73 7.91 35.94 -19.49
C SER E 73 7.08 37.16 -19.89
N LEU E 74 6.11 37.58 -19.06
CA LEU E 74 5.24 38.65 -19.47
C LEU E 74 5.79 40.03 -19.14
N ASP E 75 5.44 41.03 -19.93
CA ASP E 75 5.72 42.41 -19.56
C ASP E 75 4.58 43.07 -18.82
N ASP E 76 4.78 44.30 -18.39
CA ASP E 76 3.75 44.97 -17.63
C ASP E 76 2.44 45.19 -18.37
N ASN E 77 2.55 45.46 -19.66
CA ASN E 77 1.37 45.62 -20.50
C ASN E 77 0.50 44.35 -20.57
N GLU E 78 1.18 43.23 -20.72
CA GLU E 78 0.49 41.91 -20.72
C GLU E 78 -0.14 41.59 -19.37
N ILE E 79 0.49 42.01 -18.27
CA ILE E 79 -0.04 41.74 -16.95
C ILE E 79 -1.28 42.59 -16.74
N ILE E 80 -1.22 43.86 -17.16
CA ILE E 80 -2.38 44.71 -17.03
C ILE E 80 -3.54 44.14 -17.82
N ASP E 81 -3.24 43.70 -19.06
CA ASP E 81 -4.24 43.08 -19.88
C ASP E 81 -4.85 41.87 -19.14
N CYS E 82 -4.03 41.00 -18.57
CA CYS E 82 -4.54 39.87 -17.82
C CYS E 82 -5.45 40.24 -16.66
N ILE E 83 -4.99 41.16 -15.83
CA ILE E 83 -5.75 41.62 -14.66
C ILE E 83 -7.14 42.17 -15.06
N VAL E 84 -7.15 43.06 -16.04
CA VAL E 84 -8.38 43.65 -16.47
C VAL E 84 -9.31 42.61 -17.07
N ASN E 85 -8.77 41.71 -17.90
CA ASN E 85 -9.53 40.64 -18.46
C ASN E 85 -10.12 39.72 -17.42
N LYS E 86 -9.33 39.28 -16.43
CA LYS E 86 -9.87 38.35 -15.46
C LYS E 86 -10.94 39.01 -14.55
N PHE E 87 -10.79 40.31 -14.25
CA PHE E 87 -11.71 41.01 -13.32
C PHE E 87 -13.13 41.11 -13.88
N MET E 88 -13.26 41.05 -15.18
CA MET E 88 -14.57 41.02 -15.84
C MET E 88 -15.47 39.91 -15.23
N SER E 89 -14.85 38.78 -14.89
CA SER E 89 -15.58 37.62 -14.41
C SER E 89 -16.31 37.90 -13.14
N PHE E 90 -15.76 38.75 -12.29
CA PHE E 90 -16.39 39.03 -10.99
C PHE E 90 -17.78 39.68 -11.15
N TYR E 91 -18.08 40.26 -12.30
CA TYR E 91 -19.31 40.97 -12.57
C TYR E 91 -20.21 40.15 -13.45
N LYS E 92 -19.86 38.87 -13.70
CA LYS E 92 -20.73 37.99 -14.50
C LYS E 92 -21.16 36.75 -13.68
N ASP E 93 -21.88 35.83 -14.33
CA ASP E 93 -22.53 34.70 -13.65
C ASP E 93 -21.91 33.35 -13.88
N ASN E 94 -20.62 33.31 -14.23
CA ASN E 94 -19.94 32.09 -14.48
C ASN E 94 -18.87 31.87 -13.33
N LEU E 95 -19.18 30.96 -12.44
CA LEU E 95 -18.25 30.66 -11.34
C LEU E 95 -16.94 30.08 -11.77
N GLU E 96 -16.90 29.20 -12.77
CA GLU E 96 -15.61 28.70 -13.21
C GLU E 96 -14.67 29.82 -13.57
N ASN E 97 -15.19 30.82 -14.25
CA ASN E 97 -14.35 31.97 -14.61
C ASN E 97 -13.83 32.80 -13.42
N ILE E 98 -14.69 32.94 -12.42
CA ILE E 98 -14.34 33.64 -11.20
C ILE E 98 -13.21 32.89 -10.45
N VAL E 99 -13.32 31.55 -10.37
CA VAL E 99 -12.31 30.75 -9.67
C VAL E 99 -11.00 30.83 -10.46
N ASP E 100 -11.10 30.79 -11.76
CA ASP E 100 -9.88 30.97 -12.61
C ASP E 100 -9.25 32.37 -12.37
N ALA E 101 -10.09 33.41 -12.28
CA ALA E 101 -9.61 34.77 -12.02
C ALA E 101 -8.85 34.84 -10.74
N ILE E 102 -9.41 34.28 -9.68
CA ILE E 102 -8.76 34.36 -8.35
C ILE E 102 -7.46 33.61 -8.32
N ILE E 103 -7.44 32.42 -8.92
CA ILE E 103 -6.25 31.61 -8.99
C ILE E 103 -5.16 32.29 -9.84
N THR E 104 -5.53 32.90 -10.95
CA THR E 104 -4.61 33.63 -11.78
C THR E 104 -3.97 34.75 -10.98
N LEU E 105 -4.79 35.48 -10.24
CA LEU E 105 -4.27 36.63 -9.44
C LEU E 105 -3.27 36.17 -8.38
N LYS E 106 -3.53 35.02 -7.78
CA LYS E 106 -2.53 34.39 -6.91
C LYS E 106 -1.23 34.06 -7.68
N TYR E 107 -1.31 33.49 -8.89
CA TYR E 107 -0.04 33.22 -9.64
C TYR E 107 0.71 34.55 -9.86
N ILE E 108 0.00 35.63 -10.15
CA ILE E 108 0.63 36.90 -10.45
C ILE E 108 1.29 37.47 -9.22
N MET E 109 0.63 37.35 -8.07
CA MET E 109 1.18 37.81 -6.82
C MET E 109 2.37 36.95 -6.32
N ASN E 110 2.56 35.78 -6.88
CA ASN E 110 3.72 34.91 -6.59
C ASN E 110 5.01 35.53 -7.20
N ASN E 111 4.88 36.54 -8.07
CA ASN E 111 6.00 37.25 -8.73
C ASN E 111 6.30 38.55 -7.96
N PRO E 112 7.49 38.67 -7.30
CA PRO E 112 7.75 39.82 -6.36
C PRO E 112 7.79 41.27 -6.96
N ASP E 113 8.23 41.39 -8.22
CA ASP E 113 8.01 42.59 -9.05
C ASP E 113 6.47 42.93 -9.26
N PHE E 114 5.66 41.96 -9.68
CA PHE E 114 4.20 42.24 -9.94
C PHE E 114 3.44 42.45 -8.64
N LYS E 115 3.85 41.81 -7.56
CA LYS E 115 3.21 42.02 -6.28
C LYS E 115 3.46 43.47 -5.82
N THR E 116 4.72 43.95 -5.97
CA THR E 116 5.05 45.31 -5.59
C THR E 116 4.23 46.32 -6.39
N THR E 117 4.10 46.12 -7.69
CA THR E 117 3.34 47.03 -8.54
C THR E 117 1.80 46.97 -8.37
N TYR E 118 1.23 45.76 -8.25
CA TYR E 118 -0.22 45.60 -8.36
C TYR E 118 -0.97 45.21 -7.11
N ALA E 119 -0.29 44.90 -5.99
CA ALA E 119 -1.05 44.34 -4.84
C ALA E 119 -2.11 45.30 -4.26
N GLU E 120 -1.76 46.56 -4.14
CA GLU E 120 -2.70 47.52 -3.52
C GLU E 120 -3.96 47.74 -4.35
N VAL E 121 -3.79 47.92 -5.66
CA VAL E 121 -4.95 48.09 -6.51
C VAL E 121 -5.83 46.81 -6.52
N LEU E 122 -5.22 45.63 -6.52
CA LEU E 122 -6.04 44.38 -6.48
C LEU E 122 -6.84 44.31 -5.22
N GLY E 123 -6.22 44.67 -4.11
CA GLY E 123 -6.94 44.60 -2.84
C GLY E 123 -8.13 45.55 -2.90
N SER E 124 -7.89 46.76 -3.36
CA SER E 124 -8.91 47.77 -3.49
C SER E 124 -10.09 47.30 -4.35
N ARG E 125 -9.78 46.72 -5.49
CA ARG E 125 -10.83 46.30 -6.45
C ARG E 125 -11.57 45.02 -6.07
N ILE E 126 -10.88 44.07 -5.43
CA ILE E 126 -11.59 42.87 -4.95
C ILE E 126 -12.60 43.24 -3.85
N ALA E 127 -12.28 44.26 -3.07
CA ALA E 127 -13.28 44.75 -2.07
C ALA E 127 -14.66 45.19 -2.64
N ASP E 128 -14.70 45.52 -3.90
N ASP E 128 -14.71 45.55 -3.92
CA ASP E 128 -15.89 46.03 -4.52
CA ASP E 128 -15.94 46.04 -4.52
C ASP E 128 -16.80 44.93 -5.12
C ASP E 128 -16.81 44.92 -5.12
N ILE E 129 -16.35 43.68 -5.10
CA ILE E 129 -17.12 42.61 -5.74
C ILE E 129 -18.24 42.05 -4.83
N ASP E 130 -19.18 41.33 -5.46
CA ASP E 130 -20.30 40.68 -4.77
C ASP E 130 -20.65 39.37 -5.49
N ILE E 131 -19.98 38.31 -5.09
CA ILE E 131 -20.06 37.01 -5.78
C ILE E 131 -20.70 35.88 -4.93
N LYS E 132 -21.38 36.23 -3.84
CA LYS E 132 -22.04 35.19 -3.03
C LYS E 132 -23.06 34.34 -3.78
N GLN E 133 -23.93 34.99 -4.55
CA GLN E 133 -24.96 34.27 -5.27
C GLN E 133 -24.41 33.40 -6.36
N VAL E 134 -23.44 33.90 -7.12
CA VAL E 134 -22.82 33.06 -8.14
C VAL E 134 -22.16 31.84 -7.49
N ILE E 135 -21.55 32.01 -6.32
CA ILE E 135 -20.94 30.85 -5.67
C ILE E 135 -22.00 29.83 -5.32
N ARG E 136 -23.05 30.30 -4.65
CA ARG E 136 -24.08 29.42 -4.13
C ARG E 136 -24.84 28.65 -5.27
N GLU E 137 -25.15 29.34 -6.35
CA GLU E 137 -25.85 28.77 -7.44
C GLU E 137 -25.04 27.75 -8.26
N ASN E 138 -23.69 27.82 -8.25
CA ASN E 138 -22.87 27.04 -9.14
C ASN E 138 -21.79 26.17 -8.55
N ILE E 139 -21.55 26.24 -7.24
CA ILE E 139 -20.36 25.56 -6.70
C ILE E 139 -20.45 23.99 -6.85
N LEU E 140 -21.65 23.42 -6.73
CA LEU E 140 -21.77 21.96 -6.80
C LEU E 140 -21.45 21.48 -8.21
N GLN E 141 -22.04 22.18 -9.19
CA GLN E 141 -21.71 21.85 -10.58
C GLN E 141 -20.27 22.01 -10.89
N LEU E 142 -19.68 23.11 -10.44
CA LEU E 142 -18.27 23.37 -10.69
C LEU E 142 -17.39 22.28 -10.05
N SER E 143 -17.73 21.86 -8.84
CA SER E 143 -17.04 20.75 -8.19
C SER E 143 -17.06 19.47 -9.08
N ASN E 144 -18.20 19.13 -9.66
CA ASN E 144 -18.28 18.00 -10.54
C ASN E 144 -17.48 18.22 -11.82
N ASP E 145 -17.44 19.44 -12.35
CA ASP E 145 -16.73 19.75 -13.59
C ASP E 145 -15.23 19.64 -13.37
N ILE E 146 -14.76 20.14 -12.24
CA ILE E 146 -13.38 20.01 -11.87
C ILE E 146 -12.98 18.52 -11.68
N ARG E 147 -13.84 17.72 -11.05
CA ARG E 147 -13.55 16.31 -10.83
C ARG E 147 -13.41 15.58 -12.14
N GLU E 148 -14.32 15.85 -13.05
CA GLU E 148 -14.32 15.29 -14.40
C GLU E 148 -13.09 15.72 -15.25
N ARG E 149 -12.74 16.99 -15.20
CA ARG E 149 -11.61 17.50 -15.96
C ARG E 149 -10.20 17.15 -15.44
N TYR E 150 -9.99 17.18 -14.12
CA TYR E 150 -8.67 17.01 -13.56
C TYR E 150 -8.44 15.69 -12.84
N LEU E 151 -9.48 14.92 -12.52
CA LEU E 151 -9.30 13.71 -11.72
C LEU E 151 -9.74 12.44 -12.45
N GLY E 152 -9.34 11.28 -11.89
CA GLY E 152 -9.62 9.93 -12.43
C GLY E 152 -10.69 9.16 -11.67
N VAL F 2 44.50 -17.37 -9.64
CA VAL F 2 44.95 -15.95 -9.79
C VAL F 2 44.96 -15.21 -8.42
N LEU F 3 46.06 -14.47 -8.18
CA LEU F 3 46.27 -13.67 -6.93
C LEU F 3 45.03 -12.88 -6.60
N GLY F 4 44.53 -13.03 -5.38
CA GLY F 4 43.41 -12.21 -4.90
C GLY F 4 42.05 -12.75 -5.27
N TYR F 5 42.00 -13.90 -5.94
CA TYR F 5 40.69 -14.42 -6.43
C TYR F 5 40.56 -15.84 -5.88
N VAL F 6 39.44 -16.08 -5.21
CA VAL F 6 39.20 -17.37 -4.62
C VAL F 6 39.05 -18.45 -5.70
N SER F 7 38.37 -18.12 -6.78
CA SER F 7 38.03 -19.12 -7.79
C SER F 7 38.38 -18.58 -9.16
N ASP F 8 37.70 -19.07 -10.20
CA ASP F 8 38.04 -18.63 -11.56
C ASP F 8 37.41 -17.29 -11.87
N MET F 9 37.72 -16.73 -13.04
CA MET F 9 37.19 -15.43 -13.39
C MET F 9 35.73 -15.42 -13.83
N HIS F 10 35.21 -16.58 -14.24
CA HIS F 10 33.79 -16.67 -14.59
C HIS F 10 33.02 -16.45 -13.29
N THR F 11 33.38 -17.20 -12.24
CA THR F 11 32.79 -17.00 -10.92
C THR F 11 33.00 -15.61 -10.38
N GLU F 12 34.20 -15.06 -10.54
CA GLU F 12 34.46 -13.69 -10.05
C GLU F 12 33.58 -12.65 -10.74
N LEU F 13 33.51 -12.70 -12.07
CA LEU F 13 32.79 -11.70 -12.79
C LEU F 13 31.33 -11.77 -12.49
N ALA F 14 30.79 -12.99 -12.44
CA ALA F 14 29.38 -13.16 -12.16
C ALA F 14 29.11 -12.62 -10.77
N SER F 15 29.95 -12.96 -9.78
CA SER F 15 29.75 -12.52 -8.39
C SER F 15 29.83 -11.02 -8.20
N ILE F 16 30.83 -10.40 -8.81
CA ILE F 16 30.96 -8.95 -8.65
C ILE F 16 29.92 -8.12 -9.46
N SER F 17 29.54 -8.60 -10.64
N SER F 17 29.55 -8.61 -10.63
CA SER F 17 28.49 -7.90 -11.42
CA SER F 17 28.50 -7.93 -11.41
C SER F 17 27.15 -7.94 -10.68
C SER F 17 27.16 -7.96 -10.68
N GLN F 18 26.86 -9.09 -10.05
CA GLN F 18 25.63 -9.26 -9.23
C GLN F 18 25.66 -8.30 -8.05
N LEU F 19 26.84 -8.08 -7.47
CA LEU F 19 26.98 -7.16 -6.36
C LEU F 19 26.75 -5.73 -6.84
N VAL F 20 27.27 -5.39 -8.03
CA VAL F 20 27.06 -4.07 -8.54
C VAL F 20 25.58 -3.73 -8.69
N ILE F 21 24.86 -4.63 -9.32
CA ILE F 21 23.41 -4.48 -9.47
C ILE F 21 22.73 -4.29 -8.14
N ALA F 22 23.13 -5.09 -7.16
CA ALA F 22 22.50 -5.05 -5.85
C ALA F 22 22.77 -3.76 -5.09
N LYS F 23 23.94 -3.15 -5.33
CA LYS F 23 24.38 -2.02 -4.53
C LYS F 23 24.44 -0.66 -5.24
N ILE F 24 24.43 -0.61 -6.55
CA ILE F 24 24.76 0.66 -7.29
C ILE F 24 23.86 1.84 -6.98
N GLU F 25 22.56 1.57 -6.80
CA GLU F 25 21.66 2.64 -6.45
C GLU F 25 21.90 3.21 -5.07
N THR F 26 22.52 2.45 -4.16
CA THR F 26 22.82 2.96 -2.83
C THR F 26 24.05 3.87 -2.74
N ILE F 27 24.87 3.93 -3.79
CA ILE F 27 26.10 4.74 -3.75
C ILE F 27 25.78 6.13 -4.26
N ASP F 28 26.05 7.17 -3.49
CA ASP F 28 25.89 8.56 -3.92
C ASP F 28 26.75 8.80 -5.18
N ASN F 29 26.17 9.52 -6.15
CA ASN F 29 26.87 9.77 -7.41
C ASN F 29 28.19 10.49 -7.26
N ASP F 30 28.29 11.42 -6.31
CA ASP F 30 29.53 12.17 -6.13
C ASP F 30 30.59 11.26 -5.54
N ILE F 31 30.19 10.35 -4.66
CA ILE F 31 31.13 9.38 -4.11
C ILE F 31 31.58 8.40 -5.22
N LEU F 32 30.64 7.94 -6.06
CA LEU F 32 30.99 7.03 -7.16
C LEU F 32 32.06 7.65 -8.06
N ASN F 33 31.86 8.93 -8.42
CA ASN F 33 32.78 9.63 -9.28
C ASN F 33 34.15 9.85 -8.64
N LYS F 34 34.18 10.13 -7.32
CA LYS F 34 35.49 10.20 -6.57
C LYS F 34 36.20 8.86 -6.59
N ASP F 35 35.46 7.77 -6.35
CA ASP F 35 35.99 6.41 -6.45
C ASP F 35 36.54 6.09 -7.86
N ILE F 36 35.82 6.53 -8.91
CA ILE F 36 36.30 6.32 -10.27
C ILE F 36 37.63 7.07 -10.52
N VAL F 37 37.70 8.33 -10.09
CA VAL F 37 38.94 9.13 -10.23
C VAL F 37 40.09 8.42 -9.53
N ASN F 38 39.83 7.98 -8.30
CA ASN F 38 40.87 7.27 -7.55
C ASN F 38 41.32 5.98 -8.25
N PHE F 39 40.40 5.22 -8.81
CA PHE F 39 40.80 4.05 -9.62
C PHE F 39 41.76 4.42 -10.79
N ILE F 40 41.41 5.50 -11.49
CA ILE F 40 42.22 5.98 -12.62
C ILE F 40 43.62 6.38 -12.16
N MET F 41 43.71 6.94 -10.94
CA MET F 41 45.00 7.36 -10.36
C MET F 41 45.73 6.27 -9.55
N CYS F 42 45.28 5.02 -9.68
CA CYS F 42 45.89 3.88 -8.98
C CYS F 42 45.75 3.99 -7.44
N ARG F 43 44.59 4.40 -6.96
CA ARG F 43 44.26 4.37 -5.53
C ARG F 43 42.88 3.75 -5.32
N SER F 44 42.65 2.56 -5.85
CA SER F 44 41.35 1.87 -5.79
C SER F 44 40.73 1.72 -4.40
N ASN F 45 39.41 1.90 -4.32
CA ASN F 45 38.66 1.51 -3.16
C ASN F 45 37.84 0.28 -3.57
N LEU F 46 38.38 -0.90 -3.29
CA LEU F 46 37.75 -2.18 -3.72
C LEU F 46 36.45 -2.47 -2.98
N ASP F 47 36.18 -1.71 -1.93
N ASP F 47 36.18 -1.70 -1.92
CA ASP F 47 34.90 -1.81 -1.26
CA ASP F 47 34.89 -1.76 -1.24
C ASP F 47 33.74 -1.27 -2.09
C ASP F 47 33.73 -1.29 -2.11
N ASN F 48 34.02 -0.45 -3.09
CA ASN F 48 32.95 -0.02 -4.01
C ASN F 48 32.88 -1.12 -5.07
N PRO F 49 31.74 -1.84 -5.15
CA PRO F 49 31.70 -2.97 -6.08
C PRO F 49 31.97 -2.62 -7.53
N PHE F 50 31.59 -1.41 -7.97
CA PHE F 50 31.91 -1.04 -9.34
C PHE F 50 33.42 -0.90 -9.61
N ILE F 51 34.15 -0.38 -8.61
CA ILE F 51 35.60 -0.31 -8.70
C ILE F 51 36.24 -1.74 -8.67
N SER F 52 35.71 -2.64 -7.83
CA SER F 52 36.19 -4.03 -7.89
C SER F 52 35.97 -4.64 -9.28
N PHE F 53 34.82 -4.38 -9.86
CA PHE F 53 34.53 -4.82 -11.23
C PHE F 53 35.58 -4.28 -12.24
N LEU F 54 35.88 -2.97 -12.15
CA LEU F 54 36.83 -2.36 -13.06
C LEU F 54 38.23 -3.02 -12.85
N ASP F 55 38.62 -3.21 -11.61
CA ASP F 55 39.94 -3.85 -11.28
C ASP F 55 40.00 -5.29 -11.84
N THR F 56 38.90 -6.02 -11.68
CA THR F 56 38.84 -7.38 -12.26
C THR F 56 38.90 -7.38 -13.80
N VAL F 57 38.12 -6.49 -14.44
CA VAL F 57 38.14 -6.40 -15.94
C VAL F 57 39.54 -5.99 -16.43
N TYR F 58 40.14 -5.04 -15.76
CA TYR F 58 41.48 -4.62 -16.11
C TYR F 58 42.46 -5.81 -16.09
N THR F 59 42.38 -6.62 -15.04
CA THR F 59 43.24 -7.78 -14.88
C THR F 59 42.99 -8.83 -15.95
N ILE F 60 41.72 -9.11 -16.24
CA ILE F 60 41.33 -10.09 -17.27
C ILE F 60 41.79 -9.71 -18.66
N ILE F 61 41.60 -8.43 -19.01
CA ILE F 61 42.11 -7.89 -20.29
C ILE F 61 43.62 -8.04 -20.45
N ASP F 62 44.33 -7.71 -19.37
CA ASP F 62 45.77 -8.02 -19.28
C ASP F 62 46.58 -7.46 -20.45
N GLN F 63 46.34 -6.19 -20.78
CA GLN F 63 47.11 -5.51 -21.82
C GLN F 63 47.93 -4.33 -21.29
N GLU F 64 48.20 -4.30 -19.99
CA GLU F 64 48.88 -3.14 -19.40
C GLU F 64 50.20 -2.83 -20.11
N ASN F 65 51.06 -3.83 -20.29
CA ASN F 65 52.42 -3.58 -20.87
C ASN F 65 52.36 -3.09 -22.32
N TYR F 66 51.54 -3.75 -23.13
CA TYR F 66 51.31 -3.34 -24.54
C TYR F 66 50.74 -1.92 -24.66
N GLN F 67 49.70 -1.61 -23.87
CA GLN F 67 49.11 -0.24 -23.94
C GLN F 67 50.03 0.87 -23.37
N THR F 68 50.85 0.55 -22.37
CA THR F 68 51.92 1.43 -21.88
C THR F 68 52.90 1.82 -22.95
N GLU F 69 53.37 0.83 -23.68
CA GLU F 69 54.32 1.11 -24.74
C GLU F 69 53.62 1.95 -25.79
N LEU F 70 52.39 1.58 -26.12
CA LEU F 70 51.68 2.32 -27.16
C LEU F 70 51.50 3.76 -26.73
N ILE F 71 51.02 3.96 -25.50
CA ILE F 71 50.90 5.32 -24.92
C ILE F 71 52.22 6.13 -24.86
N ASN F 72 53.33 5.47 -24.54
CA ASN F 72 54.66 6.09 -24.66
C ASN F 72 55.03 6.63 -26.02
N SER F 73 54.52 6.00 -27.08
CA SER F 73 54.84 6.43 -28.43
C SER F 73 54.01 7.65 -28.83
N LEU F 74 53.01 8.03 -28.02
CA LEU F 74 52.11 9.12 -28.41
C LEU F 74 52.64 10.50 -28.01
N ASP F 75 52.29 11.52 -28.78
CA ASP F 75 52.59 12.90 -28.40
C ASP F 75 51.41 13.54 -27.69
N ASP F 76 51.58 14.76 -27.22
CA ASP F 76 50.52 15.41 -26.45
C ASP F 76 49.23 15.61 -27.21
N ASN F 77 49.33 15.92 -28.48
CA ASN F 77 48.20 16.09 -29.34
C ASN F 77 47.34 14.82 -29.46
N GLU F 78 48.03 13.69 -29.63
CA GLU F 78 47.38 12.37 -29.69
C GLU F 78 46.74 12.02 -28.37
N ILE F 79 47.35 12.41 -27.25
CA ILE F 79 46.79 12.11 -25.94
C ILE F 79 45.54 12.95 -25.73
N ILE F 80 45.61 14.22 -26.12
CA ILE F 80 44.42 15.06 -26.03
C ILE F 80 43.29 14.47 -26.86
N ASP F 81 43.62 14.01 -28.06
CA ASP F 81 42.65 13.38 -28.93
C ASP F 81 42.05 12.13 -28.28
N CYS F 82 42.87 11.28 -27.69
CA CYS F 82 42.36 10.15 -26.96
C CYS F 82 41.41 10.51 -25.81
N ILE F 83 41.82 11.42 -24.97
CA ILE F 83 41.05 11.82 -23.82
C ILE F 83 39.67 12.34 -24.27
N VAL F 84 39.67 13.29 -25.22
CA VAL F 84 38.43 13.89 -25.63
C VAL F 84 37.53 12.86 -26.25
N ASN F 85 38.11 11.98 -27.05
CA ASN F 85 37.37 10.88 -27.66
C ASN F 85 36.76 9.90 -26.66
N LYS F 86 37.53 9.47 -25.66
CA LYS F 86 36.99 8.51 -24.69
C LYS F 86 35.91 9.16 -23.80
N PHE F 87 36.06 10.44 -23.47
CA PHE F 87 35.10 11.11 -22.60
C PHE F 87 33.66 11.17 -23.17
N MET F 88 33.56 11.14 -24.48
CA MET F 88 32.27 11.14 -25.14
C MET F 88 31.42 10.02 -24.56
N SER F 89 32.06 8.90 -24.24
CA SER F 89 31.30 7.71 -23.77
C SER F 89 30.54 7.94 -22.48
N PHE F 90 31.05 8.81 -21.62
CA PHE F 90 30.37 9.07 -20.32
C PHE F 90 29.00 9.70 -20.51
N TYR F 91 28.71 10.26 -21.69
CA TYR F 91 27.50 10.94 -21.97
C TYR F 91 26.62 10.15 -22.89
N LYS F 92 26.97 8.89 -23.15
CA LYS F 92 26.16 8.00 -23.95
C LYS F 92 25.74 6.73 -23.13
N ASP F 93 25.05 5.78 -23.79
CA ASP F 93 24.36 4.67 -23.11
C ASP F 93 25.01 3.31 -23.28
N ASN F 94 26.28 3.29 -23.64
CA ASN F 94 27.02 2.12 -23.86
C ASN F 94 28.03 1.94 -22.73
N LEU F 95 27.76 0.96 -21.89
CA LEU F 95 28.66 0.68 -20.75
C LEU F 95 29.98 0.15 -21.14
N GLU F 96 30.04 -0.69 -22.16
CA GLU F 96 31.35 -1.19 -22.59
C GLU F 96 32.29 -0.07 -22.94
N ASN F 97 31.77 0.92 -23.66
CA ASN F 97 32.59 2.08 -24.01
C ASN F 97 33.03 2.92 -22.80
N ILE F 98 32.17 3.00 -21.81
CA ILE F 98 32.51 3.69 -20.57
C ILE F 98 33.61 2.98 -19.80
N VAL F 99 33.55 1.66 -19.74
CA VAL F 99 34.56 0.86 -19.06
C VAL F 99 35.88 0.98 -19.79
N ASP F 100 35.84 0.89 -21.12
CA ASP F 100 37.02 1.12 -21.94
C ASP F 100 37.61 2.51 -21.69
N ALA F 101 36.77 3.53 -21.65
CA ALA F 101 37.26 4.91 -21.35
C ALA F 101 38.00 4.98 -20.03
N ILE F 102 37.39 4.41 -18.98
CA ILE F 102 38.01 4.49 -17.63
C ILE F 102 39.35 3.78 -17.59
N ILE F 103 39.37 2.60 -18.21
CA ILE F 103 40.58 1.77 -18.22
C ILE F 103 41.64 2.48 -19.03
N THR F 104 41.25 3.07 -20.16
CA THR F 104 42.20 3.81 -20.98
C THR F 104 42.81 4.96 -20.15
N LEU F 105 41.98 5.69 -19.42
CA LEU F 105 42.47 6.85 -18.61
C LEU F 105 43.44 6.37 -17.55
N LYS F 106 43.19 5.20 -16.98
CA LYS F 106 44.16 4.61 -16.05
C LYS F 106 45.50 4.33 -16.79
N TYR F 107 45.45 3.75 -18.01
CA TYR F 107 46.72 3.50 -18.74
C TYR F 107 47.48 4.84 -18.92
N ILE F 108 46.76 5.91 -19.24
CA ILE F 108 47.39 7.17 -19.52
C ILE F 108 48.01 7.71 -18.25
N MET F 109 47.31 7.60 -17.11
CA MET F 109 47.81 8.08 -15.82
C MET F 109 48.96 7.20 -15.29
N ASN F 110 49.15 6.01 -15.86
CA ASN F 110 50.34 5.15 -15.57
C ASN F 110 51.62 5.77 -16.16
N ASN F 111 51.51 6.79 -17.01
CA ASN F 111 52.66 7.53 -17.59
C ASN F 111 52.90 8.82 -16.78
N PRO F 112 53.99 8.89 -15.99
CA PRO F 112 54.18 10.04 -15.08
C PRO F 112 54.17 11.45 -15.72
N ASP F 113 54.65 11.57 -16.96
CA ASP F 113 54.53 12.85 -17.69
C ASP F 113 53.05 13.21 -17.93
N PHE F 114 52.27 12.25 -18.43
CA PHE F 114 50.88 12.54 -18.77
C PHE F 114 50.07 12.74 -17.48
N LYS F 115 50.44 12.07 -16.39
CA LYS F 115 49.74 12.25 -15.14
C LYS F 115 49.93 13.67 -14.62
N THR F 116 51.17 14.15 -14.70
CA THR F 116 51.46 15.52 -14.30
C THR F 116 50.66 16.54 -15.12
N THR F 117 50.59 16.35 -16.44
CA THR F 117 49.86 17.28 -17.31
C THR F 117 48.33 17.22 -17.14
N TYR F 118 47.76 16.02 -17.04
CA TYR F 118 46.31 15.87 -17.24
C TYR F 118 45.51 15.47 -16.03
N ALA F 119 46.14 15.15 -14.90
CA ALA F 119 45.38 14.56 -13.79
C ALA F 119 44.32 15.50 -13.21
N GLU F 120 44.65 16.77 -13.07
CA GLU F 120 43.69 17.72 -12.51
C GLU F 120 42.46 17.94 -13.37
N VAL F 121 42.66 18.11 -14.67
CA VAL F 121 41.49 18.28 -15.55
C VAL F 121 40.65 16.99 -15.60
N LEU F 122 41.27 15.82 -15.59
CA LEU F 122 40.50 14.57 -15.58
C LEU F 122 39.65 14.47 -14.33
N GLY F 123 40.23 14.82 -13.20
CA GLY F 123 39.49 14.75 -11.95
C GLY F 123 38.30 15.67 -11.97
N SER F 124 38.54 16.90 -12.46
N SER F 124 38.53 16.89 -12.44
CA SER F 124 37.50 17.88 -12.63
CA SER F 124 37.47 17.83 -12.63
C SER F 124 36.36 17.42 -13.53
C SER F 124 36.33 17.36 -13.52
N ARG F 125 36.67 16.83 -14.68
CA ARG F 125 35.66 16.44 -15.66
C ARG F 125 34.93 15.15 -15.29
N ILE F 126 35.61 14.20 -14.67
CA ILE F 126 34.92 12.99 -14.20
C ILE F 126 33.87 13.37 -13.14
N ALA F 127 34.13 14.41 -12.34
CA ALA F 127 33.17 14.83 -11.33
C ALA F 127 31.82 15.24 -11.92
N ASP F 128 31.81 15.61 -13.19
N ASP F 128 31.84 15.57 -13.19
CA ASP F 128 30.55 16.07 -13.82
CA ASP F 128 30.66 16.03 -13.86
C ASP F 128 29.69 14.94 -14.45
C ASP F 128 29.73 14.95 -14.44
N ILE F 129 30.16 13.71 -14.42
CA ILE F 129 29.41 12.63 -15.08
C ILE F 129 28.30 12.06 -14.22
N ASP F 130 27.42 11.30 -14.86
CA ASP F 130 26.33 10.66 -14.19
C ASP F 130 26.01 9.33 -14.92
N ILE F 131 26.69 8.27 -14.51
CA ILE F 131 26.63 7.00 -15.20
C ILE F 131 25.96 5.88 -14.37
N LYS F 132 25.29 6.21 -13.27
CA LYS F 132 24.66 5.14 -12.47
C LYS F 132 23.67 4.29 -13.23
N GLN F 133 22.81 4.94 -14.02
CA GLN F 133 21.80 4.21 -14.77
C GLN F 133 22.39 3.35 -15.85
N VAL F 134 23.36 3.87 -16.61
CA VAL F 134 24.02 3.02 -17.62
C VAL F 134 24.71 1.82 -16.98
N ILE F 135 25.31 1.99 -15.79
CA ILE F 135 25.89 0.83 -15.10
C ILE F 135 24.83 -0.20 -14.73
N ARG F 136 23.77 0.23 -14.07
CA ARG F 136 22.75 -0.67 -13.57
C ARG F 136 22.04 -1.44 -14.71
N GLU F 137 21.75 -0.74 -15.81
CA GLU F 137 21.05 -1.33 -16.93
C GLU F 137 21.87 -2.31 -17.74
N ASN F 138 23.19 -2.23 -17.71
CA ASN F 138 24.02 -2.99 -18.59
C ASN F 138 25.11 -3.87 -18.00
N ILE F 139 25.33 -3.81 -16.71
CA ILE F 139 26.53 -4.50 -16.15
C ILE F 139 26.45 -6.05 -16.32
N LEU F 140 25.25 -6.64 -16.19
CA LEU F 140 25.13 -8.11 -16.23
C LEU F 140 25.48 -8.55 -17.64
N GLN F 141 24.93 -7.84 -18.62
CA GLN F 141 25.26 -8.16 -20.01
C GLN F 141 26.72 -7.97 -20.35
N LEU F 142 27.29 -6.87 -19.90
CA LEU F 142 28.69 -6.61 -20.12
C LEU F 142 29.54 -7.72 -19.49
N SER F 143 29.19 -8.14 -18.27
CA SER F 143 29.91 -9.25 -17.59
C SER F 143 29.90 -10.52 -18.46
N ASN F 144 28.74 -10.84 -19.07
CA ASN F 144 28.70 -11.99 -19.99
C ASN F 144 29.52 -11.77 -21.25
N ASP F 145 29.56 -10.55 -21.80
CA ASP F 145 30.29 -10.26 -23.02
C ASP F 145 31.80 -10.38 -22.77
N ILE F 146 32.22 -9.87 -21.62
CA ILE F 146 33.61 -9.98 -21.24
C ILE F 146 34.02 -11.45 -21.01
N ARG F 147 33.17 -12.23 -20.36
CA ARG F 147 33.48 -13.64 -20.17
C ARG F 147 33.67 -14.35 -21.48
N GLU F 148 32.75 -14.10 -22.41
CA GLU F 148 32.76 -14.72 -23.72
C GLU F 148 34.02 -14.34 -24.56
N ARG F 149 34.40 -13.07 -24.53
CA ARG F 149 35.51 -12.55 -25.32
C ARG F 149 36.88 -12.91 -24.73
N TYR F 150 37.02 -12.84 -23.42
CA TYR F 150 38.33 -13.02 -22.79
C TYR F 150 38.58 -14.32 -22.03
N LEU F 151 37.58 -15.17 -21.75
CA LEU F 151 37.80 -16.41 -20.94
C LEU F 151 37.42 -17.74 -21.61
N VAL G 2 -28.83 -47.49 3.33
CA VAL G 2 -28.30 -46.10 3.20
C VAL G 2 -28.14 -45.47 4.61
N LEU G 3 -27.02 -44.77 4.82
CA LEU G 3 -26.74 -43.98 6.05
C LEU G 3 -27.94 -43.11 6.42
N GLY G 4 -28.42 -43.27 7.65
CA GLY G 4 -29.42 -42.36 8.18
C GLY G 4 -30.81 -42.78 7.81
N TYR G 5 -30.95 -43.90 7.10
CA TYR G 5 -32.28 -44.31 6.67
C TYR G 5 -32.48 -45.74 7.22
N VAL G 6 -33.58 -45.88 7.97
CA VAL G 6 -33.87 -47.12 8.60
C VAL G 6 -34.11 -48.21 7.52
N SER G 7 -34.82 -47.85 6.45
CA SER G 7 -35.26 -48.85 5.47
C SER G 7 -34.97 -48.33 4.06
N ASP G 8 -35.77 -48.76 3.07
CA ASP G 8 -35.53 -48.26 1.75
C ASP G 8 -36.11 -46.84 1.53
N MET G 9 -35.93 -46.31 0.32
CA MET G 9 -36.41 -44.98 0.01
C MET G 9 -37.89 -44.90 -0.32
N HIS G 10 -38.54 -46.01 -0.66
CA HIS G 10 -40.00 -46.06 -0.77
C HIS G 10 -40.62 -45.78 0.57
N THR G 11 -40.18 -46.51 1.59
CA THR G 11 -40.64 -46.27 2.92
C THR G 11 -40.33 -44.83 3.37
N GLU G 12 -39.13 -44.36 3.08
CA GLU G 12 -38.67 -43.05 3.57
C GLU G 12 -39.53 -41.95 2.95
N LEU G 13 -39.78 -42.04 1.65
CA LEU G 13 -40.55 -41.01 1.01
C LEU G 13 -42.03 -41.01 1.41
N ALA G 14 -42.63 -42.17 1.54
CA ALA G 14 -43.96 -42.29 2.04
C ALA G 14 -44.06 -41.72 3.43
N SER G 15 -43.18 -42.13 4.33
CA SER G 15 -43.23 -41.67 5.71
C SER G 15 -43.08 -40.17 5.79
N ILE G 16 -42.08 -39.63 5.09
CA ILE G 16 -41.78 -38.19 5.33
C ILE G 16 -42.84 -37.32 4.70
N SER G 17 -43.37 -37.74 3.56
CA SER G 17 -44.46 -36.99 2.95
C SER G 17 -45.66 -36.93 3.86
N GLN G 18 -45.95 -38.04 4.54
CA GLN G 18 -47.06 -38.09 5.52
C GLN G 18 -46.80 -37.17 6.69
N LEU G 19 -45.54 -37.10 7.11
CA LEU G 19 -45.20 -36.20 8.22
C LEU G 19 -45.37 -34.74 7.79
N VAL G 20 -45.02 -34.43 6.54
CA VAL G 20 -45.20 -33.09 6.05
C VAL G 20 -46.67 -32.68 6.12
N ILE G 21 -47.54 -33.54 5.59
CA ILE G 21 -49.01 -33.29 5.68
C ILE G 21 -49.46 -33.05 7.09
N ALA G 22 -49.00 -33.90 8.02
CA ALA G 22 -49.41 -33.84 9.41
C ALA G 22 -48.91 -32.57 10.12
N LYS G 23 -47.79 -32.00 9.70
CA LYS G 23 -47.21 -30.87 10.39
C LYS G 23 -47.26 -29.53 9.66
N ILE G 24 -47.44 -29.50 8.34
CA ILE G 24 -47.09 -28.27 7.53
C ILE G 24 -47.90 -27.04 7.97
N GLU G 25 -49.14 -27.25 8.34
CA GLU G 25 -49.99 -26.11 8.75
C GLU G 25 -49.46 -25.45 10.02
N THR G 26 -48.80 -26.22 10.87
CA THR G 26 -48.30 -25.72 12.14
C THR G 26 -47.00 -24.88 12.01
N ILE G 27 -46.34 -24.90 10.84
CA ILE G 27 -45.09 -24.19 10.67
C ILE G 27 -45.39 -22.82 10.10
N ASP G 28 -45.00 -21.76 10.82
CA ASP G 28 -45.19 -20.41 10.36
CA ASP G 28 -45.18 -20.42 10.33
C ASP G 28 -44.49 -20.22 9.00
N ASN G 29 -45.12 -19.47 8.11
CA ASN G 29 -44.58 -19.28 6.76
C ASN G 29 -43.22 -18.66 6.76
N ASP G 30 -42.97 -17.71 7.64
CA ASP G 30 -41.70 -17.02 7.64
C ASP G 30 -40.63 -17.99 8.11
N ILE G 31 -40.99 -18.90 9.02
CA ILE G 31 -40.02 -19.92 9.50
C ILE G 31 -39.75 -20.99 8.42
N LEU G 32 -40.78 -21.39 7.70
CA LEU G 32 -40.60 -22.28 6.58
C LEU G 32 -39.64 -21.71 5.58
N ASN G 33 -39.84 -20.43 5.22
CA ASN G 33 -38.98 -19.83 4.25
C ASN G 33 -37.53 -19.68 4.75
N LYS G 34 -37.33 -19.36 6.02
CA LYS G 34 -35.96 -19.38 6.64
C LYS G 34 -35.33 -20.74 6.60
N ASP G 35 -36.11 -21.78 6.90
CA ASP G 35 -35.65 -23.17 6.78
C ASP G 35 -35.29 -23.56 5.32
N ILE G 36 -36.09 -23.15 4.34
CA ILE G 36 -35.73 -23.31 2.92
C ILE G 36 -34.38 -22.65 2.58
N VAL G 37 -34.20 -21.38 3.00
CA VAL G 37 -32.95 -20.67 2.76
C VAL G 37 -31.79 -21.42 3.40
N ASN G 38 -31.95 -21.82 4.66
CA ASN G 38 -30.92 -22.59 5.33
C ASN G 38 -30.59 -23.90 4.64
N PHE G 39 -31.58 -24.63 4.15
CA PHE G 39 -31.30 -25.85 3.31
C PHE G 39 -30.43 -25.50 2.09
N ILE G 40 -30.81 -24.42 1.40
CA ILE G 40 -30.10 -23.98 0.19
C ILE G 40 -28.62 -23.66 0.55
N MET G 41 -28.40 -23.10 1.73
CA MET G 41 -27.05 -22.69 2.20
C MET G 41 -26.31 -23.79 2.97
N CYS G 42 -26.83 -25.02 2.92
CA CYS G 42 -26.19 -26.18 3.56
CA CYS G 42 -26.21 -26.16 3.58
C CYS G 42 -26.17 -26.02 5.10
N ARG G 43 -27.28 -25.56 5.69
CA ARG G 43 -27.46 -25.58 7.15
C ARG G 43 -28.84 -26.14 7.48
N SER G 44 -29.17 -27.30 6.94
CA SER G 44 -30.50 -27.92 7.08
C SER G 44 -30.97 -28.06 8.51
N ASN G 45 -32.28 -27.83 8.70
CA ASN G 45 -32.90 -28.18 9.93
C ASN G 45 -33.81 -29.36 9.62
N LEU G 46 -33.30 -30.58 9.86
CA LEU G 46 -34.02 -31.82 9.52
C LEU G 46 -35.24 -32.07 10.41
N ASP G 47 -35.37 -31.28 11.47
CA ASP G 47 -36.60 -31.27 12.23
C ASP G 47 -37.82 -30.68 11.51
N ASN G 48 -37.61 -29.89 10.47
CA ASN G 48 -38.71 -29.41 9.63
C ASN G 48 -38.94 -30.51 8.59
N PRO G 49 -40.09 -31.15 8.60
CA PRO G 49 -40.30 -32.32 7.74
C PRO G 49 -40.23 -32.02 6.24
N PHE G 50 -40.58 -30.81 5.84
CA PHE G 50 -40.38 -30.42 4.44
C PHE G 50 -38.89 -30.40 4.05
N ILE G 51 -38.07 -29.91 4.94
CA ILE G 51 -36.63 -29.93 4.71
C ILE G 51 -36.11 -31.39 4.68
N SER G 52 -36.58 -32.25 5.58
CA SER G 52 -36.17 -33.64 5.50
C SER G 52 -36.56 -34.29 4.15
N PHE G 53 -37.78 -33.96 3.67
CA PHE G 53 -38.24 -34.38 2.33
C PHE G 53 -37.26 -33.89 1.22
N LEU G 54 -36.88 -32.61 1.27
CA LEU G 54 -35.96 -32.03 0.29
C LEU G 54 -34.59 -32.74 0.38
N ASP G 55 -34.11 -32.97 1.57
CA ASP G 55 -32.81 -33.66 1.76
C ASP G 55 -32.83 -35.10 1.23
N THR G 56 -33.92 -35.81 1.47
CA THR G 56 -34.13 -37.13 0.94
C THR G 56 -34.19 -37.14 -0.60
N VAL G 57 -34.89 -36.19 -1.20
CA VAL G 57 -34.97 -36.13 -2.64
C VAL G 57 -33.57 -35.81 -3.21
N TYR G 58 -32.89 -34.86 -2.58
CA TYR G 58 -31.55 -34.46 -3.01
C TYR G 58 -30.62 -35.70 -3.02
N THR G 59 -30.71 -36.51 -1.98
CA THR G 59 -29.95 -37.71 -1.85
C THR G 59 -30.26 -38.76 -2.89
N ILE G 60 -31.54 -38.99 -3.14
CA ILE G 60 -32.03 -39.94 -4.17
C ILE G 60 -31.45 -39.53 -5.56
N ILE G 61 -31.55 -38.25 -5.90
CA ILE G 61 -31.10 -37.76 -7.17
C ILE G 61 -29.62 -37.96 -7.38
N ASP G 62 -28.83 -37.66 -6.34
CA ASP G 62 -27.46 -38.02 -6.23
C ASP G 62 -26.58 -37.42 -7.36
N GLN G 63 -26.78 -36.17 -7.68
CA GLN G 63 -26.07 -35.56 -8.79
C GLN G 63 -25.18 -34.41 -8.32
N GLU G 64 -24.86 -34.38 -7.03
CA GLU G 64 -24.09 -33.25 -6.50
C GLU G 64 -22.74 -33.01 -7.24
N ASN G 65 -21.95 -34.05 -7.46
CA ASN G 65 -20.62 -33.89 -8.12
C ASN G 65 -20.72 -33.43 -9.56
N TYR G 66 -21.65 -34.06 -10.30
CA TYR G 66 -21.88 -33.64 -11.70
C TYR G 66 -22.32 -32.19 -11.76
N GLN G 67 -23.31 -31.83 -10.94
CA GLN G 67 -23.92 -30.48 -11.06
C GLN G 67 -22.93 -29.40 -10.63
N THR G 68 -22.01 -29.74 -9.73
CA THR G 68 -20.91 -28.89 -9.31
C THR G 68 -19.92 -28.55 -10.40
N GLU G 69 -19.52 -29.59 -11.14
CA GLU G 69 -18.74 -29.41 -12.34
C GLU G 69 -19.54 -28.54 -13.35
N LEU G 70 -20.82 -28.85 -13.56
CA LEU G 70 -21.58 -28.11 -14.55
C LEU G 70 -21.68 -26.63 -14.18
N ILE G 71 -22.06 -26.38 -12.93
CA ILE G 71 -22.18 -25.04 -12.44
C ILE G 71 -20.85 -24.25 -12.51
N ASN G 72 -19.74 -24.93 -12.26
CA ASN G 72 -18.39 -24.35 -12.49
C ASN G 72 -18.14 -23.84 -13.87
N SER G 73 -18.73 -24.48 -14.86
CA SER G 73 -18.53 -24.10 -16.23
C SER G 73 -19.37 -22.85 -16.58
N LEU G 74 -20.31 -22.43 -15.72
CA LEU G 74 -21.19 -21.34 -16.08
C LEU G 74 -20.64 -19.94 -15.75
N ASP G 75 -21.03 -18.92 -16.52
CA ASP G 75 -20.67 -17.55 -16.20
C ASP G 75 -21.80 -16.87 -15.41
N ASP G 76 -21.55 -15.64 -14.99
CA ASP G 76 -22.54 -14.95 -14.20
C ASP G 76 -23.86 -14.73 -14.89
N ASN G 77 -23.80 -14.46 -16.18
CA ASN G 77 -25.00 -14.27 -16.94
C ASN G 77 -25.92 -15.53 -16.97
N GLU G 78 -25.29 -16.67 -17.18
CA GLU G 78 -25.97 -17.95 -17.13
C GLU G 78 -26.60 -18.21 -15.78
N ILE G 79 -25.92 -17.81 -14.68
CA ILE G 79 -26.37 -18.08 -13.34
C ILE G 79 -27.57 -17.19 -13.07
N ILE G 80 -27.51 -15.94 -13.48
CA ILE G 80 -28.65 -15.07 -13.33
C ILE G 80 -29.84 -15.60 -14.11
N ASP G 81 -29.61 -16.07 -15.32
CA ASP G 81 -30.64 -16.67 -16.12
C ASP G 81 -31.28 -17.83 -15.39
N CYS G 82 -30.46 -18.69 -14.84
CA CYS G 82 -30.99 -19.83 -14.08
C CYS G 82 -31.87 -19.42 -12.89
N ILE G 83 -31.35 -18.52 -12.07
CA ILE G 83 -32.03 -18.06 -10.90
C ILE G 83 -33.40 -17.47 -11.26
N VAL G 84 -33.42 -16.59 -12.25
CA VAL G 84 -34.68 -15.96 -12.65
C VAL G 84 -35.65 -17.00 -13.18
N ASN G 85 -35.16 -17.90 -14.00
CA ASN G 85 -35.97 -18.97 -14.55
C ASN G 85 -36.58 -19.84 -13.47
N LYS G 86 -35.77 -20.31 -12.52
CA LYS G 86 -36.29 -21.25 -11.52
C LYS G 86 -37.30 -20.56 -10.61
N PHE G 87 -37.10 -19.27 -10.32
CA PHE G 87 -37.95 -18.57 -9.32
C PHE G 87 -39.44 -18.43 -9.79
N MET G 88 -39.66 -18.49 -11.09
CA MET G 88 -40.99 -18.55 -11.65
C MET G 88 -41.84 -19.65 -10.97
N SER G 89 -41.21 -20.80 -10.68
N SER G 89 -41.23 -20.80 -10.70
CA SER G 89 -41.90 -21.92 -10.05
CA SER G 89 -41.93 -21.90 -10.08
C SER G 89 -42.55 -21.58 -8.70
C SER G 89 -42.57 -21.58 -8.71
N PHE G 90 -41.94 -20.70 -7.92
CA PHE G 90 -42.50 -20.36 -6.62
C PHE G 90 -43.87 -19.65 -6.68
N TYR G 91 -44.25 -19.11 -7.86
CA TYR G 91 -45.45 -18.36 -8.02
C TYR G 91 -46.41 -19.14 -8.85
N LYS G 92 -46.12 -20.43 -9.05
CA LYS G 92 -47.05 -21.36 -9.73
C LYS G 92 -47.43 -22.51 -8.83
N ASP G 93 -48.29 -23.40 -9.32
N ASP G 93 -48.28 -23.41 -9.33
CA ASP G 93 -48.91 -24.43 -8.48
CA ASP G 93 -48.93 -24.46 -8.50
C ASP G 93 -48.35 -25.82 -8.71
C ASP G 93 -48.34 -25.86 -8.70
N ASN G 94 -47.12 -25.92 -9.23
CA ASN G 94 -46.49 -27.19 -9.53
C ASN G 94 -45.35 -27.44 -8.51
N LEU G 95 -45.62 -28.37 -7.59
CA LEU G 95 -44.64 -28.62 -6.53
C LEU G 95 -43.37 -29.25 -7.08
N GLU G 96 -43.47 -30.11 -8.11
CA GLU G 96 -42.24 -30.72 -8.70
C GLU G 96 -41.24 -29.67 -9.16
N ASN G 97 -41.76 -28.65 -9.77
CA ASN G 97 -40.93 -27.55 -10.24
C ASN G 97 -40.32 -26.70 -9.12
N ILE G 98 -41.10 -26.51 -8.08
CA ILE G 98 -40.63 -25.85 -6.83
C ILE G 98 -39.45 -26.63 -6.20
N VAL G 99 -39.57 -27.95 -6.15
CA VAL G 99 -38.55 -28.78 -5.50
C VAL G 99 -37.32 -28.73 -6.36
N ASP G 100 -37.52 -28.82 -7.68
CA ASP G 100 -36.37 -28.60 -8.63
C ASP G 100 -35.67 -27.29 -8.44
N ALA G 101 -36.47 -26.22 -8.29
CA ALA G 101 -35.93 -24.90 -8.08
C ALA G 101 -35.06 -24.82 -6.82
N ILE G 102 -35.55 -25.35 -5.71
CA ILE G 102 -34.87 -25.26 -4.46
C ILE G 102 -33.56 -26.03 -4.53
N ILE G 103 -33.64 -27.24 -5.08
CA ILE G 103 -32.45 -28.07 -5.20
C ILE G 103 -31.41 -27.42 -6.11
N THR G 104 -31.86 -26.84 -7.21
CA THR G 104 -30.94 -26.16 -8.12
C THR G 104 -30.21 -24.99 -7.41
N LEU G 105 -30.94 -24.27 -6.57
CA LEU G 105 -30.36 -23.14 -5.80
C LEU G 105 -29.29 -23.64 -4.81
N LYS G 106 -29.55 -24.80 -4.19
CA LYS G 106 -28.55 -25.44 -3.36
C LYS G 106 -27.30 -25.77 -4.18
N TYR G 107 -27.48 -26.33 -5.37
CA TYR G 107 -26.23 -26.64 -6.20
C TYR G 107 -25.43 -25.34 -6.49
N ILE G 108 -26.14 -24.25 -6.70
CA ILE G 108 -25.50 -22.98 -7.06
C ILE G 108 -24.77 -22.41 -5.86
N MET G 109 -25.37 -22.53 -4.68
CA MET G 109 -24.69 -22.12 -3.45
C MET G 109 -23.51 -23.00 -3.00
N ASN G 110 -23.42 -24.21 -3.56
CA ASN G 110 -22.23 -25.11 -3.34
C ASN G 110 -20.95 -24.56 -4.03
N ASN G 111 -21.09 -23.54 -4.88
CA ASN G 111 -19.99 -22.85 -5.54
C ASN G 111 -19.61 -21.54 -4.76
N PRO G 112 -18.41 -21.46 -4.16
CA PRO G 112 -18.11 -20.32 -3.22
C PRO G 112 -18.11 -18.88 -3.82
N ASP G 113 -17.74 -18.78 -5.11
CA ASP G 113 -17.89 -17.54 -5.84
C ASP G 113 -19.39 -17.14 -5.98
N PHE G 114 -20.25 -18.07 -6.41
CA PHE G 114 -21.69 -17.74 -6.64
C PHE G 114 -22.42 -17.55 -5.33
N LYS G 115 -21.97 -18.22 -4.27
CA LYS G 115 -22.56 -17.99 -2.97
C LYS G 115 -22.27 -16.56 -2.51
N THR G 116 -21.02 -16.10 -2.67
CA THR G 116 -20.69 -14.77 -2.30
C THR G 116 -21.52 -13.75 -3.07
N THR G 117 -21.67 -13.95 -4.38
CA THR G 117 -22.37 -12.99 -5.21
C THR G 117 -23.88 -12.99 -4.99
N TYR G 118 -24.46 -14.18 -4.84
CA TYR G 118 -25.95 -14.29 -4.92
C TYR G 118 -26.66 -14.71 -3.65
N ALA G 119 -25.97 -15.06 -2.55
CA ALA G 119 -26.68 -15.57 -1.36
C ALA G 119 -27.64 -14.56 -0.73
N GLU G 120 -27.25 -13.30 -0.65
CA GLU G 120 -28.11 -12.30 -0.04
C GLU G 120 -29.43 -12.10 -0.84
N VAL G 121 -29.31 -11.95 -2.15
CA VAL G 121 -30.51 -11.73 -2.96
C VAL G 121 -31.43 -12.98 -2.92
N LEU G 122 -30.84 -14.18 -2.89
CA LEU G 122 -31.69 -15.39 -2.78
C LEU G 122 -32.40 -15.43 -1.47
N GLY G 123 -31.71 -15.09 -0.40
CA GLY G 123 -32.35 -15.08 0.91
C GLY G 123 -33.48 -14.08 0.98
N SER G 124 -33.24 -12.90 0.44
CA SER G 124 -34.24 -11.90 0.32
C SER G 124 -35.47 -12.34 -0.46
N ARG G 125 -35.25 -12.92 -1.63
CA ARG G 125 -36.35 -13.28 -2.54
C ARG G 125 -37.11 -14.52 -2.09
N ILE G 126 -36.43 -15.49 -1.50
CA ILE G 126 -37.18 -16.66 -0.92
C ILE G 126 -38.11 -16.18 0.23
N ALA G 127 -37.73 -15.14 0.96
CA ALA G 127 -38.58 -14.65 2.05
C ALA G 127 -39.95 -14.16 1.54
N ASP G 128 -40.06 -13.80 0.25
N ASP G 128 -40.03 -13.82 0.25
CA ASP G 128 -41.31 -13.26 -0.27
CA ASP G 128 -41.23 -13.28 -0.35
C ASP G 128 -42.27 -14.35 -0.79
C ASP G 128 -42.24 -14.34 -0.79
N ILE G 129 -41.89 -15.63 -0.76
CA ILE G 129 -42.74 -16.66 -1.29
C ILE G 129 -43.80 -17.16 -0.28
N ASP G 130 -44.77 -17.90 -0.81
CA ASP G 130 -45.79 -18.45 -0.02
C ASP G 130 -46.25 -19.74 -0.66
N ILE G 131 -45.58 -20.81 -0.33
CA ILE G 131 -45.82 -22.11 -0.98
C ILE G 131 -46.41 -23.18 -0.05
N LYS G 132 -46.84 -22.81 1.17
CA LYS G 132 -47.48 -23.83 2.07
C LYS G 132 -48.58 -24.65 1.48
N GLN G 133 -49.56 -23.97 0.85
CA GLN G 133 -50.69 -24.67 0.28
C GLN G 133 -50.27 -25.54 -0.88
N VAL G 134 -49.35 -25.09 -1.75
CA VAL G 134 -48.87 -25.96 -2.84
C VAL G 134 -48.13 -27.19 -2.30
N ILE G 135 -47.31 -27.01 -1.26
CA ILE G 135 -46.75 -28.19 -0.57
C ILE G 135 -47.82 -29.16 -0.06
N ARG G 136 -48.71 -28.66 0.79
CA ARG G 136 -49.72 -29.50 1.45
C ARG G 136 -50.54 -30.23 0.43
N GLU G 137 -50.98 -29.53 -0.61
CA GLU G 137 -51.86 -30.11 -1.59
C GLU G 137 -51.25 -31.16 -2.51
N ASN G 138 -49.92 -31.13 -2.70
CA ASN G 138 -49.28 -31.92 -3.74
C ASN G 138 -48.17 -32.86 -3.27
N ILE G 139 -47.83 -32.80 -2.00
CA ILE G 139 -46.62 -33.56 -1.56
C ILE G 139 -46.81 -35.09 -1.58
N LEU G 140 -48.03 -35.56 -1.24
CA LEU G 140 -48.30 -37.01 -1.34
C LEU G 140 -48.15 -37.52 -2.77
N GLN G 141 -48.81 -36.83 -3.69
CA GLN G 141 -48.73 -37.10 -5.11
C GLN G 141 -47.31 -37.08 -5.63
N LEU G 142 -46.56 -36.04 -5.27
CA LEU G 142 -45.17 -35.90 -5.72
C LEU G 142 -44.26 -37.04 -5.15
N SER G 143 -44.50 -37.41 -3.91
CA SER G 143 -43.77 -38.53 -3.29
C SER G 143 -43.97 -39.82 -4.11
N ASN G 144 -45.23 -40.10 -4.47
CA ASN G 144 -45.49 -41.24 -5.37
C ASN G 144 -44.81 -41.10 -6.73
N ASP G 145 -44.79 -39.90 -7.29
CA ASP G 145 -44.25 -39.69 -8.60
C ASP G 145 -42.74 -39.90 -8.59
N ILE G 146 -42.08 -39.41 -7.55
CA ILE G 146 -40.61 -39.57 -7.37
C ILE G 146 -40.25 -41.04 -7.16
N ARG G 147 -41.06 -41.76 -6.40
CA ARG G 147 -40.83 -43.19 -6.21
C ARG G 147 -40.92 -43.98 -7.51
N GLU G 148 -41.98 -43.71 -8.30
CA GLU G 148 -42.18 -44.34 -9.61
C GLU G 148 -41.03 -43.99 -10.60
N ARG G 149 -40.56 -42.75 -10.62
CA ARG G 149 -39.50 -42.32 -11.56
C ARG G 149 -38.05 -42.71 -11.19
N TYR G 150 -37.68 -42.59 -9.92
CA TYR G 150 -36.29 -42.81 -9.50
C TYR G 150 -36.02 -44.15 -8.80
N LEU G 151 -37.02 -44.92 -8.38
CA LEU G 151 -36.72 -46.11 -7.55
C LEU G 151 -37.22 -47.42 -8.17
N VAL H 2 -4.04 32.47 23.41
CA VAL H 2 -4.58 31.08 23.24
C VAL H 2 -4.37 30.26 24.54
N LEU H 3 -5.41 29.52 24.94
CA LEU H 3 -5.39 28.62 26.16
C LEU H 3 -4.12 27.78 26.17
N GLY H 4 -3.39 27.85 27.26
CA GLY H 4 -2.28 26.94 27.50
C GLY H 4 -0.99 27.46 26.93
N TYR H 5 -1.04 28.63 26.29
CA TYR H 5 0.13 29.11 25.59
C TYR H 5 0.44 30.50 26.17
N VAL H 6 1.66 30.62 26.65
CA VAL H 6 2.10 31.83 27.27
C VAL H 6 2.07 32.99 26.25
N SER H 7 2.49 32.71 25.03
CA SER H 7 2.70 33.76 24.04
C SER H 7 2.09 33.33 22.71
N ASP H 8 2.65 33.83 21.59
CA ASP H 8 2.11 33.46 20.30
C ASP H 8 2.62 32.09 19.82
N MET H 9 2.15 31.64 18.65
CA MET H 9 2.52 30.34 18.15
C MET H 9 3.89 30.26 17.48
N HIS H 10 4.46 31.41 17.09
CA HIS H 10 5.85 31.45 16.68
C HIS H 10 6.75 31.09 17.79
N THR H 11 6.58 31.77 18.93
CA THR H 11 7.33 31.43 20.09
C THR H 11 7.08 29.99 20.52
N GLU H 12 5.83 29.55 20.51
CA GLU H 12 5.51 28.19 20.99
C GLU H 12 6.18 27.13 20.10
N LEU H 13 6.11 27.29 18.79
CA LEU H 13 6.72 26.29 17.92
C LEU H 13 8.23 26.24 17.98
N ALA H 14 8.88 27.41 18.05
CA ALA H 14 10.29 27.51 18.23
C ALA H 14 10.72 26.84 19.53
N SER H 15 10.03 27.15 20.64
CA SER H 15 10.42 26.60 21.91
C SER H 15 10.23 25.12 21.96
N ILE H 16 9.10 24.63 21.47
CA ILE H 16 8.83 23.16 21.64
C ILE H 16 9.69 22.31 20.72
N SER H 17 9.96 22.83 19.53
N SER H 17 9.92 22.80 19.51
CA SER H 17 10.86 22.12 18.64
CA SER H 17 10.85 22.12 18.62
C SER H 17 12.25 22.00 19.24
C SER H 17 12.21 21.96 19.30
N GLN H 18 12.71 23.05 19.92
CA GLN H 18 13.99 23.02 20.60
C GLN H 18 13.98 22.02 21.70
N LEU H 19 12.88 21.92 22.43
CA LEU H 19 12.78 20.97 23.55
C LEU H 19 12.78 19.55 22.99
N VAL H 20 12.15 19.33 21.85
CA VAL H 20 12.23 18.01 21.22
C VAL H 20 13.71 17.62 20.95
N ILE H 21 14.43 18.48 20.24
CA ILE H 21 15.87 18.23 19.95
C ILE H 21 16.65 17.89 21.21
N ALA H 22 16.40 18.65 22.27
CA ALA H 22 17.12 18.50 23.53
C ALA H 22 16.78 17.20 24.24
N LYS H 23 15.58 16.67 24.05
CA LYS H 23 15.14 15.51 24.81
C LYS H 23 14.94 14.21 24.02
N ILE H 24 14.79 14.27 22.70
CA ILE H 24 14.30 13.09 21.93
C ILE H 24 15.16 11.83 22.10
N GLU H 25 16.47 12.00 22.16
CA GLU H 25 17.37 10.86 22.29
C GLU H 25 17.17 10.13 23.61
N THR H 26 16.74 10.84 24.63
CA THR H 26 16.54 10.24 25.93
C THR H 26 15.23 9.41 26.05
N ILE H 27 14.31 9.52 25.09
CA ILE H 27 13.04 8.83 25.17
C ILE H 27 13.15 7.50 24.47
N ASP H 28 12.89 6.41 25.19
N ASP H 28 12.83 6.41 25.17
CA ASP H 28 12.95 5.10 24.59
CA ASP H 28 12.98 5.13 24.54
C ASP H 28 11.96 4.98 23.44
C ASP H 28 11.92 4.93 23.46
N ASN H 29 12.36 4.28 22.38
CA ASN H 29 11.53 4.18 21.21
C ASN H 29 10.21 3.54 21.47
N ASP H 30 10.16 2.54 22.33
CA ASP H 30 8.92 1.87 22.61
C ASP H 30 7.99 2.83 23.37
N ILE H 31 8.56 3.65 24.27
CA ILE H 31 7.77 4.65 25.00
C ILE H 31 7.28 5.77 24.07
N LEU H 32 8.14 6.25 23.17
CA LEU H 32 7.72 7.18 22.18
C LEU H 32 6.51 6.69 21.41
N ASN H 33 6.57 5.45 20.94
CA ASN H 33 5.51 4.91 20.11
C ASN H 33 4.22 4.70 20.92
N LYS H 34 4.33 4.30 22.18
CA LYS H 34 3.16 4.28 23.08
C LYS H 34 2.54 5.65 23.25
N ASP H 35 3.37 6.66 23.44
CA ASP H 35 2.91 8.06 23.55
C ASP H 35 2.24 8.55 22.25
N ILE H 36 2.76 8.19 21.09
CA ILE H 36 2.10 8.46 19.81
C ILE H 36 0.72 7.80 19.72
N VAL H 37 0.62 6.53 20.11
CA VAL H 37 -0.67 5.83 20.18
C VAL H 37 -1.64 6.57 21.09
N ASN H 38 -1.18 6.90 22.29
CA ASN H 38 -2.04 7.60 23.25
C ASN H 38 -2.48 8.96 22.75
N PHE H 39 -1.61 9.70 22.08
CA PHE H 39 -2.05 10.95 21.38
C PHE H 39 -3.19 10.68 20.38
N ILE H 40 -3.03 9.62 19.59
CA ILE H 40 -4.02 9.28 18.55
C ILE H 40 -5.36 8.92 19.17
N MET H 41 -5.33 8.28 20.33
CA MET H 41 -6.54 7.89 21.11
C MET H 41 -7.05 8.96 22.09
N CYS H 42 -6.52 10.18 21.99
N CYS H 42 -6.55 10.19 21.94
CA CYS H 42 -6.94 11.30 22.84
CA CYS H 42 -6.93 11.33 22.78
C CYS H 42 -6.63 11.05 24.32
C CYS H 42 -6.64 11.03 24.29
N ARG H 43 -5.43 10.56 24.58
CA ARG H 43 -4.89 10.47 25.95
C ARG H 43 -3.47 10.98 25.94
N SER H 44 -3.26 12.18 25.42
CA SER H 44 -1.92 12.79 25.31
C SER H 44 -1.12 12.80 26.62
N ASN H 45 0.18 12.57 26.48
CA ASN H 45 1.09 12.87 27.55
C ASN H 45 1.91 14.06 27.11
N LEU H 46 1.50 15.26 27.55
CA LEU H 46 2.13 16.54 27.09
C LEU H 46 3.54 16.72 27.68
N ASP H 47 3.89 15.89 28.64
CA ASP H 47 5.25 15.83 29.10
C ASP H 47 6.25 15.29 28.07
N ASN H 48 5.77 14.56 27.07
CA ASN H 48 6.65 14.13 25.99
C ASN H 48 6.67 15.27 24.99
N PRO H 49 7.84 15.87 24.72
CA PRO H 49 7.83 17.10 23.95
C PRO H 49 7.41 16.91 22.51
N PHE H 50 7.64 15.72 21.95
CA PHE H 50 7.09 15.46 20.63
C PHE H 50 5.56 15.47 20.59
N ILE H 51 4.94 14.91 21.60
CA ILE H 51 3.49 14.92 21.72
C ILE H 51 3.01 16.41 21.88
N SER H 52 3.70 17.20 22.71
CA SER H 52 3.33 18.62 22.81
C SER H 52 3.43 19.36 21.46
N PHE H 53 4.48 19.07 20.70
CA PHE H 53 4.59 19.53 19.35
C PHE H 53 3.37 19.13 18.48
N LEU H 54 3.00 17.86 18.54
CA LEU H 54 1.86 17.37 17.75
C LEU H 54 0.58 18.05 18.16
N ASP H 55 0.36 18.17 19.47
CA ASP H 55 -0.79 18.86 19.98
C ASP H 55 -0.84 20.34 19.52
N THR H 56 0.28 21.01 19.55
CA THR H 56 0.36 22.40 19.05
C THR H 56 0.06 22.50 17.57
N VAL H 57 0.62 21.58 16.78
CA VAL H 57 0.37 21.61 15.33
C VAL H 57 -1.13 21.33 15.07
N TYR H 58 -1.67 20.36 15.75
CA TYR H 58 -3.08 20.02 15.63
C TYR H 58 -3.94 21.26 15.91
N THR H 59 -3.61 22.01 16.99
CA THR H 59 -4.32 23.20 17.31
C THR H 59 -4.24 24.30 16.29
N ILE H 60 -3.03 24.54 15.77
CA ILE H 60 -2.76 25.54 14.74
C ILE H 60 -3.58 25.23 13.47
N ILE H 61 -3.60 23.97 13.05
CA ILE H 61 -4.35 23.55 11.88
C ILE H 61 -5.86 23.76 12.05
N ASP H 62 -6.37 23.40 13.20
CA ASP H 62 -7.72 23.74 13.61
C ASP H 62 -8.82 23.24 12.68
N GLN H 63 -8.72 22.00 12.24
CA GLN H 63 -9.69 21.44 11.27
C GLN H 63 -10.43 20.25 11.84
N GLU H 64 -10.47 20.15 13.17
CA GLU H 64 -11.14 18.99 13.79
C GLU H 64 -12.60 18.77 13.36
N ASN H 65 -13.44 19.80 13.41
CA ASN H 65 -14.87 19.65 13.03
C ASN H 65 -15.09 19.29 11.58
N TYR H 66 -14.39 19.98 10.68
CA TYR H 66 -14.48 19.65 9.26
C TYR H 66 -14.05 18.21 8.99
N GLN H 67 -12.90 17.79 9.53
CA GLN H 67 -12.35 16.45 9.17
C GLN H 67 -13.21 15.34 9.78
N THR H 68 -13.85 15.63 10.92
CA THR H 68 -14.87 14.75 11.52
C THR H 68 -16.05 14.48 10.63
N GLU H 69 -16.60 15.55 10.07
CA GLU H 69 -17.69 15.40 9.10
C GLU H 69 -17.21 14.59 7.93
N LEU H 70 -16.02 14.91 7.43
CA LEU H 70 -15.53 14.24 6.23
C LEU H 70 -15.39 12.77 6.52
N ILE H 71 -14.75 12.46 7.63
CA ILE H 71 -14.53 11.08 8.00
C ILE H 71 -15.85 10.31 8.21
N ASN H 72 -16.87 10.99 8.76
CA ASN H 72 -18.23 10.42 8.82
C ASN H 72 -18.82 9.97 7.51
N SER H 73 -18.46 10.64 6.45
CA SER H 73 -19.00 10.34 5.15
C SER H 73 -18.29 9.11 4.56
N LEU H 74 -17.21 8.64 5.15
CA LEU H 74 -16.42 7.56 4.54
C LEU H 74 -16.92 6.16 4.92
N ASP H 75 -16.73 5.18 4.05
CA ASP H 75 -17.03 3.79 4.39
C ASP H 75 -15.77 3.08 4.86
N ASP H 76 -15.93 1.82 5.26
CA ASP H 76 -14.79 1.09 5.80
C ASP H 76 -13.66 0.91 4.83
N ASN H 77 -13.99 0.69 3.57
CA ASN H 77 -12.98 0.53 2.57
C ASN H 77 -12.09 1.78 2.41
N GLU H 78 -12.73 2.93 2.42
CA GLU H 78 -12.05 4.23 2.32
C GLU H 78 -11.15 4.45 3.51
N ILE H 79 -11.58 3.98 4.67
CA ILE H 79 -10.80 4.16 5.87
C ILE H 79 -9.59 3.26 5.86
N ILE H 80 -9.74 2.03 5.42
CA ILE H 80 -8.60 1.15 5.27
C ILE H 80 -7.61 1.71 4.27
N ASP H 81 -8.10 2.21 3.16
CA ASP H 81 -7.27 2.88 2.20
C ASP H 81 -6.49 4.05 2.79
N CYS H 82 -7.14 4.89 3.56
CA CYS H 82 -6.43 5.95 4.22
C CYS H 82 -5.33 5.47 5.16
N ILE H 83 -5.65 4.54 6.03
CA ILE H 83 -4.72 4.04 7.00
C ILE H 83 -3.49 3.49 6.28
N VAL H 84 -3.69 2.65 5.28
CA VAL H 84 -2.59 2.05 4.60
C VAL H 84 -1.73 3.11 3.87
N ASN H 85 -2.38 4.06 3.23
CA ASN H 85 -1.72 5.18 2.57
C ASN H 85 -0.93 6.06 3.54
N LYS H 86 -1.50 6.42 4.68
CA LYS H 86 -0.74 7.31 5.60
C LYS H 86 0.44 6.59 6.25
N PHE H 87 0.30 5.32 6.51
CA PHE H 87 1.38 4.53 7.18
C PHE H 87 2.70 4.48 6.38
N MET H 88 2.62 4.61 5.08
CA MET H 88 3.76 4.65 4.23
C MET H 88 4.77 5.68 4.76
N SER H 89 4.26 6.81 5.24
CA SER H 89 5.11 7.90 5.70
C SER H 89 6.02 7.48 6.80
N PHE H 90 5.58 6.59 7.66
CA PHE H 90 6.45 6.17 8.80
C PHE H 90 7.72 5.47 8.38
N TYR H 91 7.79 4.98 7.09
CA TYR H 91 8.90 4.23 6.58
C TYR H 91 9.66 5.07 5.59
N LYS H 92 9.34 6.37 5.54
CA LYS H 92 10.11 7.34 4.73
C LYS H 92 10.69 8.45 5.59
N ASP H 93 11.42 9.37 4.98
CA ASP H 93 12.29 10.29 5.70
C ASP H 93 11.72 11.73 5.71
N ASN H 94 10.39 11.87 5.49
CA ASN H 94 9.73 13.17 5.42
C ASN H 94 8.85 13.37 6.68
N LEU H 95 9.35 14.20 7.59
CA LEU H 95 8.65 14.40 8.85
C LEU H 95 7.29 15.05 8.68
N GLU H 96 7.16 15.96 7.71
CA GLU H 96 5.85 16.59 7.48
C GLU H 96 4.75 15.58 7.20
N ASN H 97 5.09 14.60 6.40
CA ASN H 97 4.14 13.54 6.07
C ASN H 97 3.81 12.63 7.24
N ILE H 98 4.82 12.41 8.08
CA ILE H 98 4.61 11.61 9.31
C ILE H 98 3.65 12.35 10.26
N VAL H 99 3.82 13.68 10.37
CA VAL H 99 2.97 14.46 11.29
C VAL H 99 1.56 14.45 10.76
N ASP H 100 1.42 14.59 9.44
CA ASP H 100 0.10 14.47 8.80
C ASP H 100 -0.55 13.13 9.02
N ALA H 101 0.25 12.07 8.89
CA ALA H 101 -0.25 10.70 9.17
C ALA H 101 -0.79 10.55 10.56
N ILE H 102 -0.03 11.01 11.57
CA ILE H 102 -0.45 10.86 12.94
C ILE H 102 -1.70 11.62 13.25
N ILE H 103 -1.75 12.87 12.76
CA ILE H 103 -2.94 13.70 12.98
C ILE H 103 -4.15 13.09 12.29
N THR H 104 -3.94 12.54 11.11
CA THR H 104 -5.05 11.92 10.39
C THR H 104 -5.63 10.73 11.21
N LEU H 105 -4.74 9.98 11.83
CA LEU H 105 -5.15 8.80 12.61
C LEU H 105 -5.94 9.23 13.85
N LYS H 106 -5.53 10.35 14.44
CA LYS H 106 -6.30 10.94 15.50
C LYS H 106 -7.71 11.30 14.99
N TYR H 107 -7.83 11.94 13.83
CA TYR H 107 -9.19 12.30 13.35
C TYR H 107 -10.06 11.03 13.18
N ILE H 108 -9.43 9.93 12.72
CA ILE H 108 -10.16 8.71 12.47
C ILE H 108 -10.63 8.11 13.79
N MET H 109 -9.77 8.14 14.79
CA MET H 109 -10.16 7.67 16.12
C MET H 109 -11.21 8.55 16.87
N ASN H 110 -11.40 9.80 16.41
CA ASN H 110 -12.43 10.71 16.95
C ASN H 110 -13.82 10.22 16.53
N ASN H 111 -13.89 9.23 15.65
CA ASN H 111 -15.16 8.58 15.22
C ASN H 111 -15.32 7.27 16.03
N PRO H 112 -16.35 7.19 16.91
CA PRO H 112 -16.49 5.99 17.78
C PRO H 112 -16.65 4.62 17.08
N ASP H 113 -17.33 4.59 15.93
CA ASP H 113 -17.41 3.34 15.15
C ASP H 113 -16.00 2.92 14.65
N PHE H 114 -15.24 3.86 14.07
CA PHE H 114 -13.92 3.51 13.49
C PHE H 114 -12.96 3.19 14.62
N LYS H 115 -13.13 3.82 15.77
CA LYS H 115 -12.21 3.54 16.89
C LYS H 115 -12.41 2.12 17.34
N THR H 116 -13.67 1.71 17.44
CA THR H 116 -13.98 0.34 17.81
C THR H 116 -13.39 -0.65 16.83
N THR H 117 -13.57 -0.41 15.54
CA THR H 117 -13.06 -1.33 14.51
C THR H 117 -11.53 -1.36 14.36
N TYR H 118 -10.87 -0.19 14.42
CA TYR H 118 -9.44 -0.08 14.02
C TYR H 118 -8.44 0.24 15.10
N ALA H 119 -8.87 0.53 16.33
CA ALA H 119 -7.90 0.99 17.32
C ALA H 119 -6.80 -0.06 17.62
N GLU H 120 -7.20 -1.31 17.75
CA GLU H 120 -6.23 -2.36 18.10
C GLU H 120 -5.15 -2.51 17.02
N VAL H 121 -5.55 -2.53 15.75
CA VAL H 121 -4.56 -2.70 14.69
C VAL H 121 -3.62 -1.46 14.63
N LEU H 122 -4.17 -0.26 14.83
CA LEU H 122 -3.32 0.93 14.81
C LEU H 122 -2.30 0.89 15.93
N GLY H 123 -2.73 0.46 17.12
CA GLY H 123 -1.83 0.36 18.25
C GLY H 123 -0.75 -0.64 17.95
N SER H 124 -1.15 -1.79 17.41
CA SER H 124 -0.19 -2.81 17.00
C SER H 124 0.85 -2.34 15.99
N ARG H 125 0.38 -1.68 14.92
CA ARG H 125 1.28 -1.28 13.84
C ARG H 125 2.15 -0.05 14.16
N ILE H 126 1.62 0.89 14.95
CA ILE H 126 2.50 2.01 15.38
C ILE H 126 3.64 1.48 16.22
N ALA H 127 3.40 0.41 16.99
CA ALA H 127 4.50 -0.14 17.82
C ALA H 127 5.72 -0.56 16.97
N ASP H 128 5.51 -0.84 15.69
CA ASP H 128 6.60 -1.35 14.83
C ASP H 128 7.45 -0.24 14.18
N ILE H 129 7.09 1.02 14.37
CA ILE H 129 7.83 2.11 13.69
C ILE H 129 9.07 2.54 14.45
N ASP H 130 9.91 3.28 13.74
CA ASP H 130 11.10 3.76 14.30
C ASP H 130 11.41 5.09 13.64
N ILE H 131 10.85 6.16 14.20
CA ILE H 131 10.98 7.48 13.61
C ILE H 131 11.79 8.50 14.44
N LYS H 132 12.48 8.06 15.48
CA LYS H 132 13.32 9.01 16.24
C LYS H 132 14.27 9.89 15.45
N GLN H 133 15.05 9.27 14.58
CA GLN H 133 16.04 10.00 13.80
C GLN H 133 15.37 10.95 12.85
N VAL H 134 14.27 10.53 12.20
CA VAL H 134 13.56 11.44 11.29
C VAL H 134 13.00 12.65 12.06
N ILE H 135 12.51 12.42 13.27
CA ILE H 135 12.09 13.56 14.11
C ILE H 135 13.26 14.51 14.42
N ARG H 136 14.33 13.94 15.00
CA ARG H 136 15.48 14.72 15.47
C ARG H 136 16.06 15.51 14.33
N GLU H 137 16.20 14.86 13.19
CA GLU H 137 16.88 15.50 12.06
C GLU H 137 16.09 16.63 11.40
N ASN H 138 14.75 16.62 11.55
CA ASN H 138 13.90 17.48 10.71
C ASN H 138 12.95 18.40 11.48
N ILE H 139 12.89 18.25 12.79
CA ILE H 139 11.85 18.99 13.52
C ILE H 139 12.08 20.50 13.55
N LEU H 140 13.33 20.93 13.64
CA LEU H 140 13.63 22.40 13.60
C LEU H 140 13.16 22.99 12.26
N GLN H 141 13.58 22.36 11.17
CA GLN H 141 13.19 22.73 9.83
C GLN H 141 11.66 22.77 9.64
N LEU H 142 10.98 21.70 10.05
CA LEU H 142 9.51 21.62 9.94
C LEU H 142 8.83 22.73 10.77
N SER H 143 9.34 22.97 11.98
CA SER H 143 8.79 24.09 12.82
C SER H 143 8.86 25.41 12.06
N ASN H 144 10.02 25.70 11.43
CA ASN H 144 10.13 26.94 10.60
C ASN H 144 9.19 26.92 9.40
N ASP H 145 9.01 25.76 8.78
CA ASP H 145 8.12 25.63 7.64
C ASP H 145 6.64 25.88 8.03
N ILE H 146 6.21 25.27 9.15
CA ILE H 146 4.81 25.44 9.64
C ILE H 146 4.55 26.92 10.03
N ARG H 147 5.53 27.56 10.65
CA ARG H 147 5.39 28.97 10.99
C ARG H 147 5.19 29.84 9.78
N GLU H 148 6.04 29.61 8.75
CA GLU H 148 5.96 30.34 7.46
C GLU H 148 4.60 30.09 6.77
N ARG H 149 4.11 28.86 6.75
CA ARG H 149 2.86 28.51 6.05
C ARG H 149 1.55 28.92 6.77
N TYR H 150 1.48 28.73 8.08
CA TYR H 150 0.22 28.94 8.82
C TYR H 150 0.14 30.20 9.67
N LEU H 151 1.23 30.94 9.92
CA LEU H 151 1.17 32.06 10.88
C LEU H 151 1.59 33.41 10.26
S SO4 I . 11.11 2.98 -12.95
O1 SO4 I . 9.94 2.84 -13.85
O2 SO4 I . 12.33 3.47 -13.62
O3 SO4 I . 11.35 1.70 -12.34
O4 SO4 I . 10.77 3.96 -11.90
S SO4 J . -52.00 -15.71 -26.32
O1 SO4 J . -51.03 -15.52 -27.47
O2 SO4 J . -52.03 -14.47 -25.57
O3 SO4 J . -51.46 -16.80 -25.45
O4 SO4 J . -53.30 -16.15 -26.89
S SO4 K . 0.57 -47.29 9.11
O1 SO4 K . -0.61 -47.11 8.21
O2 SO4 K . 1.83 -46.99 8.41
O3 SO4 K . 0.65 -48.68 9.56
O4 SO4 K . 0.26 -46.54 10.34
S SO4 L . 22.63 10.42 -6.40
O1 SO4 L . 22.36 9.50 -7.54
O2 SO4 L . 22.75 11.86 -6.77
O3 SO4 L . 23.85 10.13 -5.68
O4 SO4 L . 21.44 10.33 -5.54
S SO4 M . -48.78 -18.68 8.07
O1 SO4 M . -48.96 -20.00 7.47
O2 SO4 M . -48.87 -17.67 7.00
O3 SO4 M . -47.51 -18.57 8.82
O4 SO4 M . -49.88 -18.44 9.02
#